data_6QXG
#
_entry.id   6QXG
#
_cell.length_a   103.220
_cell.length_b   61.980
_cell.length_c   169.363
_cell.angle_alpha   90.00
_cell.angle_beta   98.96
_cell.angle_gamma   90.00
#
_symmetry.space_group_name_H-M   'I 1 2 1'
#
loop_
_entity.id
_entity.type
_entity.pdbx_description
1 polymer 'Thymidylate synthase'
2 non-polymer "5-FLUORO-2'-DEOXYURIDINE-5'-MONOPHOSPHATE"
3 non-polymer 'SULFATE ION'
4 water water
#
_entity_poly.entity_id   1
_entity_poly.type   'polypeptide(L)'
_entity_poly.pdbx_seq_one_letter_code
;MRGSHHHHHHGSMPVAGSELPRRPLPPAAQERDAEPRPPHGELQYLGQIQHILRCGVRKDDRTGTGTLSVFGMQARYSLR
DEFPLLTTKRVFWKGVLEELLWFIKGSTNAKELSSKGVKIWDANGSRDFLDSLGFSTREEGDLGPVYGFQWRHFGAEYRD
MESDYSGQGVDQLQRVIDTIKTNPDDRRIIMCAWNPRDLPLMALPPCHALCQFYVVNSELSCQLYQRSGDMGLGVPFNIA
SYALLTYMIAHITGLKPGDFIHTLGDAHIYLNHIEPLKIQLQREPRPFPKLRILRKVEKIDDFKAEDFQIEGYNPHPTIK
MEMAV
;
_entity_poly.pdbx_strand_id   A,B,C
#
loop_
_chem_comp.id
_chem_comp.type
_chem_comp.name
_chem_comp.formula
SO4 non-polymer 'SULFATE ION' 'O4 S -2'
UFP DNA linking 5-FLUORO-2'-DEOXYURIDINE-5'-MONOPHOSPHATE 'C9 H12 F N2 O8 P'
#
# COMPACT_ATOMS: atom_id res chain seq x y z
N PRO A 38 23.45 16.36 16.09
CA PRO A 38 22.51 15.22 15.93
C PRO A 38 22.23 14.40 17.20
N PRO A 39 21.02 14.48 17.83
CA PRO A 39 20.75 13.82 19.13
C PRO A 39 20.82 12.28 19.04
N HIS A 40 21.32 11.63 20.09
CA HIS A 40 21.43 10.19 20.21
C HIS A 40 20.05 9.55 20.15
N GLY A 41 19.88 8.45 19.40
CA GLY A 41 18.55 7.84 19.26
C GLY A 41 18.03 7.22 20.56
N GLU A 42 18.90 6.99 21.54
CA GLU A 42 18.53 6.35 22.79
C GLU A 42 17.68 7.34 23.61
N LEU A 43 17.88 8.64 23.36
CA LEU A 43 17.06 9.66 23.99
C LEU A 43 15.56 9.52 23.68
N GLN A 44 15.22 8.81 22.60
CA GLN A 44 13.81 8.61 22.27
C GLN A 44 13.19 7.73 23.36
N TYR A 45 13.86 6.63 23.65
CA TYR A 45 13.40 5.68 24.67
C TYR A 45 13.40 6.31 26.07
N LEU A 46 14.54 6.95 26.41
CA LEU A 46 14.69 7.63 27.69
C LEU A 46 13.63 8.71 27.85
N GLY A 47 13.41 9.58 26.82
CA GLY A 47 12.30 10.52 26.81
C GLY A 47 10.97 9.87 27.20
N GLN A 48 10.68 8.65 26.68
CA GLN A 48 9.39 8.00 26.94
C GLN A 48 9.27 7.64 28.42
N ILE A 49 10.39 7.16 28.99
CA ILE A 49 10.37 6.77 30.39
C ILE A 49 9.99 8.00 31.20
N GLN A 50 10.65 9.13 30.90
CA GLN A 50 10.41 10.38 31.62
C GLN A 50 8.98 10.84 31.46
N HIS A 51 8.46 10.75 30.23
CA HIS A 51 7.07 11.13 29.95
C HIS A 51 6.15 10.28 30.83
N ILE A 52 6.37 8.96 30.92
CA ILE A 52 5.41 8.17 31.70
C ILE A 52 5.55 8.47 33.19
N LEU A 53 6.78 8.73 33.66
CA LEU A 53 6.97 8.99 35.08
C LEU A 53 6.26 10.29 35.43
N ARG A 54 6.28 11.27 34.56
CA ARG A 54 5.68 12.57 34.82
C ARG A 54 4.16 12.54 34.57
N CYS A 55 3.69 11.85 33.52
CA CYS A 55 2.31 12.06 33.10
C CYS A 55 1.54 10.75 33.14
N GLY A 56 2.18 9.66 33.51
CA GLY A 56 1.41 8.41 33.50
C GLY A 56 0.42 8.39 34.65
N VAL A 57 -0.68 7.66 34.47
CA VAL A 57 -1.62 7.51 35.56
C VAL A 57 -1.54 6.09 36.13
N ARG A 58 -1.78 5.99 37.43
CA ARG A 58 -1.75 4.70 38.09
C ARG A 58 -2.90 3.85 37.54
N LYS A 59 -2.58 2.60 37.21
CA LYS A 59 -3.52 1.70 36.56
C LYS A 59 -3.09 0.31 37.01
N ASP A 60 -4.02 -0.48 37.58
CA ASP A 60 -3.64 -1.86 37.94
C ASP A 60 -3.58 -2.76 36.71
N ASP A 61 -2.86 -3.87 36.82
CA ASP A 61 -2.71 -4.78 35.70
C ASP A 61 -3.21 -6.15 36.14
N ARG A 62 -3.27 -7.12 35.21
CA ARG A 62 -3.70 -8.46 35.61
C ARG A 62 -2.75 -9.05 36.66
N THR A 63 -1.45 -8.70 36.62
CA THR A 63 -0.44 -9.29 37.48
C THR A 63 -0.54 -8.83 38.95
N GLY A 64 -1.48 -7.94 39.31
CA GLY A 64 -1.55 -7.37 40.65
C GLY A 64 -0.44 -6.37 41.04
N THR A 65 0.56 -6.09 40.17
CA THR A 65 1.74 -5.27 40.52
C THR A 65 1.47 -3.74 40.59
N GLY A 66 0.53 -3.18 39.81
CA GLY A 66 0.44 -1.72 39.68
C GLY A 66 1.42 -1.15 38.64
N THR A 67 0.96 -0.17 37.85
CA THR A 67 1.78 0.47 36.83
C THR A 67 1.47 1.98 36.78
N LEU A 68 2.41 2.73 36.21
CA LEU A 68 2.07 4.03 35.67
C LEU A 68 1.99 3.81 34.16
N SER A 69 0.95 4.39 33.57
CA SER A 69 0.52 4.04 32.23
C SER A 69 0.15 5.29 31.40
N VAL A 70 0.55 5.26 30.13
CA VAL A 70 0.14 6.16 29.04
C VAL A 70 -0.39 5.27 27.90
N PHE A 71 -1.50 5.71 27.26
CA PHE A 71 -1.99 4.97 26.11
C PHE A 71 -1.68 5.75 24.84
N GLY A 72 -0.93 5.16 23.91
CA GLY A 72 -0.57 5.76 22.66
C GLY A 72 0.76 6.50 22.71
N MET A 73 1.83 5.90 22.22
CA MET A 73 3.08 6.64 22.15
C MET A 73 3.73 6.19 20.86
N GLN A 74 4.75 6.89 20.42
CA GLN A 74 5.39 6.48 19.18
C GLN A 74 6.82 7.02 19.18
N ALA A 75 7.84 6.22 18.84
CA ALA A 75 9.20 6.73 18.78
C ALA A 75 9.79 6.24 17.47
N ARG A 76 10.82 6.94 16.97
CA ARG A 76 11.43 6.62 15.68
C ARG A 76 12.93 6.39 15.94
N TYR A 77 13.50 5.27 15.43
CA TYR A 77 14.91 4.94 15.61
C TYR A 77 15.54 4.79 14.22
N SER A 78 16.57 5.63 13.91
CA SER A 78 17.28 5.45 12.65
C SER A 78 18.03 4.12 12.62
N LEU A 79 18.01 3.47 11.48
CA LEU A 79 18.81 2.25 11.41
C LEU A 79 20.00 2.50 10.48
N ARG A 80 20.18 3.76 10.05
CA ARG A 80 21.16 4.14 9.02
C ARG A 80 22.55 4.19 9.65
N ASP A 81 23.32 3.12 9.45
CA ASP A 81 24.72 3.03 9.86
C ASP A 81 24.89 2.84 11.36
N GLU A 82 23.85 2.34 12.02
CA GLU A 82 23.84 2.12 13.46
C GLU A 82 22.66 1.21 13.76
N PHE A 83 22.79 0.44 14.84
CA PHE A 83 21.77 -0.48 15.28
C PHE A 83 21.32 -0.07 16.70
N PRO A 84 20.01 0.18 16.97
CA PRO A 84 19.59 0.75 18.25
C PRO A 84 19.52 -0.28 19.38
N LEU A 85 20.68 -0.83 19.78
CA LEU A 85 20.77 -1.72 20.93
C LEU A 85 21.17 -0.87 22.14
N LEU A 86 20.28 -0.77 23.14
CA LEU A 86 20.45 0.30 24.13
C LEU A 86 21.76 0.19 24.88
N THR A 87 22.31 1.36 25.24
CA THR A 87 23.60 1.41 25.92
C THR A 87 23.51 1.78 27.40
N THR A 88 22.41 2.38 27.87
CA THR A 88 22.31 2.74 29.27
C THR A 88 22.01 1.54 30.17
N LYS A 89 21.82 0.36 29.56
CA LYS A 89 21.90 -0.86 30.33
C LYS A 89 22.25 -1.98 29.36
N ARG A 90 22.91 -3.03 29.81
CA ARG A 90 23.20 -4.11 28.91
C ARG A 90 21.88 -4.76 28.49
N VAL A 91 21.68 -4.96 27.18
CA VAL A 91 20.56 -5.71 26.66
C VAL A 91 20.99 -7.12 26.25
N PHE A 92 20.11 -8.10 26.42
CA PHE A 92 20.45 -9.48 26.14
C PHE A 92 20.43 -9.79 24.63
N TRP A 93 21.53 -9.49 23.91
CA TRP A 93 21.59 -9.58 22.45
C TRP A 93 21.48 -11.03 21.95
N LYS A 94 22.22 -11.96 22.57
CA LYS A 94 22.13 -13.36 22.24
C LYS A 94 20.66 -13.79 22.24
N GLY A 95 19.91 -13.34 23.26
CA GLY A 95 18.47 -13.58 23.33
C GLY A 95 17.68 -13.04 22.13
N VAL A 96 18.00 -11.80 21.73
CA VAL A 96 17.24 -11.14 20.66
C VAL A 96 17.39 -11.96 19.38
N LEU A 97 18.65 -12.27 19.08
CA LEU A 97 19.00 -12.88 17.82
C LEU A 97 18.49 -14.32 17.75
N GLU A 98 18.79 -15.08 18.80
CA GLU A 98 18.32 -16.44 18.92
C GLU A 98 16.80 -16.53 18.91
N GLU A 99 16.08 -15.63 19.62
CA GLU A 99 14.61 -15.71 19.61
C GLU A 99 14.05 -15.43 18.21
N LEU A 100 14.64 -14.48 17.48
CA LEU A 100 14.16 -14.18 16.12
C LEU A 100 14.43 -15.35 15.14
N LEU A 101 15.59 -15.98 15.23
CA LEU A 101 15.83 -17.09 14.34
C LEU A 101 14.83 -18.21 14.64
N TRP A 102 14.39 -18.29 15.88
CA TRP A 102 13.46 -19.32 16.29
C TRP A 102 12.05 -19.03 15.74
N PHE A 103 11.63 -17.77 15.80
CA PHE A 103 10.40 -17.33 15.16
C PHE A 103 10.46 -17.66 13.66
N ILE A 104 11.59 -17.31 13.03
CA ILE A 104 11.68 -17.42 11.59
C ILE A 104 11.53 -18.87 11.13
N LYS A 105 12.05 -19.80 11.96
CA LYS A 105 12.04 -21.22 11.61
C LYS A 105 10.63 -21.76 11.77
N GLY A 106 9.75 -20.94 12.36
CA GLY A 106 8.34 -21.25 12.60
C GLY A 106 8.06 -22.12 13.83
N SER A 107 9.03 -22.24 14.76
CA SER A 107 8.94 -23.15 15.90
C SER A 107 8.01 -22.61 16.98
N THR A 108 7.26 -23.51 17.62
CA THR A 108 6.43 -23.17 18.77
C THR A 108 6.88 -23.96 20.00
N ASN A 109 8.11 -24.48 19.95
CA ASN A 109 8.64 -25.36 20.95
C ASN A 109 9.64 -24.58 21.81
N ALA A 110 9.21 -24.19 23.01
CA ALA A 110 10.14 -23.49 23.91
C ALA A 110 11.48 -24.25 24.07
N LYS A 111 11.46 -25.59 23.91
CA LYS A 111 12.66 -26.39 24.09
C LYS A 111 13.70 -26.12 23.00
N GLU A 112 13.28 -25.80 21.77
CA GLU A 112 14.19 -25.52 20.66
C GLU A 112 14.97 -24.21 20.89
N LEU A 113 14.34 -23.22 21.54
CA LEU A 113 15.02 -21.98 21.93
C LEU A 113 15.91 -22.26 23.14
N SER A 114 15.35 -22.92 24.17
CA SER A 114 16.08 -23.27 25.37
C SER A 114 17.46 -23.91 25.08
N SER A 115 17.50 -24.86 24.14
CA SER A 115 18.73 -25.57 23.77
C SER A 115 19.80 -24.62 23.25
N LYS A 116 19.43 -23.41 22.80
CA LYS A 116 20.42 -22.50 22.26
C LYS A 116 21.01 -21.63 23.35
N GLY A 117 20.43 -21.71 24.56
CA GLY A 117 20.96 -21.05 25.74
C GLY A 117 20.08 -19.89 26.16
N VAL A 118 18.84 -19.84 25.65
CA VAL A 118 17.96 -18.71 25.80
C VAL A 118 16.64 -19.16 26.47
N LYS A 119 16.32 -18.62 27.65
CA LYS A 119 15.40 -19.32 28.53
C LYS A 119 14.09 -18.55 28.67
N ILE A 120 13.94 -17.52 27.83
CA ILE A 120 12.90 -16.54 28.05
C ILE A 120 11.50 -17.09 27.78
N TRP A 121 11.38 -18.15 26.98
CA TRP A 121 10.04 -18.73 26.82
C TRP A 121 9.81 -19.96 27.70
N ASP A 122 10.77 -20.33 28.56
CA ASP A 122 10.72 -21.61 29.27
C ASP A 122 9.55 -21.71 30.25
N ALA A 123 9.31 -20.64 31.02
CA ALA A 123 8.26 -20.66 32.03
C ALA A 123 6.89 -20.90 31.39
N ASN A 124 6.68 -20.29 30.21
CA ASN A 124 5.40 -20.33 29.52
C ASN A 124 5.12 -21.71 28.93
N GLY A 125 6.18 -22.51 28.71
CA GLY A 125 6.11 -23.89 28.24
C GLY A 125 6.63 -24.86 29.32
N SER A 126 5.98 -24.82 30.49
CA SER A 126 6.26 -25.61 31.68
C SER A 126 4.95 -26.24 32.12
N ARG A 127 5.06 -27.36 32.84
CA ARG A 127 3.92 -28.15 33.26
C ARG A 127 2.93 -27.30 34.06
N ASP A 128 3.45 -26.63 35.10
CA ASP A 128 2.62 -25.89 36.05
C ASP A 128 1.86 -24.80 35.31
N PHE A 129 2.55 -24.06 34.42
CA PHE A 129 1.91 -22.93 33.75
C PHE A 129 0.85 -23.42 32.77
N LEU A 130 1.19 -24.45 31.97
CA LEU A 130 0.28 -24.97 30.95
C LEU A 130 -1.00 -25.45 31.64
N ASP A 131 -0.82 -26.19 32.74
CA ASP A 131 -1.90 -26.62 33.62
C ASP A 131 -2.78 -25.44 34.03
N SER A 132 -2.18 -24.34 34.54
CA SER A 132 -2.99 -23.23 35.04
C SER A 132 -3.78 -22.53 33.93
N LEU A 133 -3.47 -22.79 32.63
CA LEU A 133 -4.30 -22.20 31.58
C LEU A 133 -5.36 -23.22 31.13
N GLY A 134 -5.41 -24.36 31.83
CA GLY A 134 -6.33 -25.45 31.54
C GLY A 134 -5.92 -26.26 30.32
N PHE A 135 -4.61 -26.41 30.11
CA PHE A 135 -4.07 -27.22 29.03
C PHE A 135 -3.37 -28.39 29.66
N SER A 136 -4.15 -29.15 30.43
CA SER A 136 -3.67 -30.36 31.08
C SER A 136 -3.07 -31.33 30.06
N THR A 137 -3.66 -31.38 28.86
CA THR A 137 -3.31 -32.41 27.89
C THR A 137 -1.91 -32.19 27.31
N ARG A 138 -1.55 -30.94 27.04
CA ARG A 138 -0.38 -30.54 26.27
C ARG A 138 0.97 -30.84 26.94
N GLU A 139 1.96 -31.13 26.09
CA GLU A 139 3.35 -31.44 26.39
C GLU A 139 4.16 -30.22 26.79
N GLU A 140 5.13 -30.38 27.71
CA GLU A 140 6.06 -29.31 28.05
C GLU A 140 6.76 -28.75 26.80
N GLY A 141 6.85 -27.41 26.70
CA GLY A 141 7.49 -26.71 25.59
C GLY A 141 6.50 -26.15 24.57
N ASP A 142 5.27 -26.72 24.57
CA ASP A 142 4.26 -26.47 23.55
C ASP A 142 3.51 -25.17 23.83
N LEU A 143 3.97 -24.08 23.18
CA LEU A 143 3.53 -22.73 23.49
C LEU A 143 2.22 -22.41 22.78
N GLY A 144 1.71 -23.37 21.99
CA GLY A 144 0.55 -23.12 21.16
C GLY A 144 0.92 -22.30 19.91
N PRO A 145 -0.07 -21.77 19.18
CA PRO A 145 0.21 -21.01 17.95
C PRO A 145 0.67 -19.56 18.12
N VAL A 146 1.86 -19.34 18.72
CA VAL A 146 2.47 -18.02 18.97
C VAL A 146 3.27 -17.59 17.73
N TYR A 147 4.06 -16.53 17.87
CA TYR A 147 4.61 -15.81 16.72
C TYR A 147 5.09 -16.69 15.57
N GLY A 148 5.88 -17.72 15.85
CA GLY A 148 6.47 -18.51 14.78
C GLY A 148 5.43 -19.12 13.82
N PHE A 149 4.40 -19.74 14.38
CA PHE A 149 3.28 -20.28 13.63
C PHE A 149 2.55 -19.16 12.86
N GLN A 150 2.19 -18.04 13.52
CA GLN A 150 1.39 -17.01 12.89
C GLN A 150 2.20 -16.34 11.75
N TRP A 151 3.52 -16.25 11.88
CA TRP A 151 4.31 -15.68 10.80
C TRP A 151 4.41 -16.59 9.56
N ARG A 152 4.48 -17.93 9.76
CA ARG A 152 4.65 -18.78 8.58
C ARG A 152 3.40 -19.58 8.20
N HIS A 153 2.32 -19.58 8.99
CA HIS A 153 1.21 -20.51 8.79
C HIS A 153 -0.09 -19.84 9.24
N PHE A 154 -0.17 -18.53 9.10
CA PHE A 154 -1.38 -17.89 9.62
C PHE A 154 -2.63 -18.57 9.02
N GLY A 155 -3.60 -18.90 9.90
CA GLY A 155 -4.93 -19.39 9.54
C GLY A 155 -4.97 -20.93 9.45
N ALA A 156 -3.81 -21.59 9.44
CA ALA A 156 -3.75 -23.04 9.53
C ALA A 156 -4.16 -23.55 10.91
N GLU A 157 -4.53 -24.84 10.96
CA GLU A 157 -5.14 -25.44 12.14
C GLU A 157 -4.04 -25.98 13.07
N TYR A 158 -3.96 -25.40 14.26
CA TYR A 158 -2.81 -25.78 15.03
C TYR A 158 -3.14 -27.14 15.67
N ARG A 159 -2.15 -28.06 15.60
CA ARG A 159 -2.26 -29.37 16.21
C ARG A 159 -1.38 -29.43 17.44
N ASP A 160 -0.09 -29.68 17.24
CA ASP A 160 0.86 -29.59 18.33
C ASP A 160 2.18 -29.04 17.79
N MET A 161 3.18 -29.03 18.67
CA MET A 161 4.40 -28.34 18.32
C MET A 161 5.25 -29.17 17.35
N GLU A 162 4.90 -30.46 17.18
CA GLU A 162 5.67 -31.40 16.37
C GLU A 162 5.12 -31.57 14.93
N SER A 163 3.88 -31.15 14.66
CA SER A 163 3.25 -31.31 13.35
C SER A 163 4.00 -30.60 12.21
N ASP A 164 3.93 -31.19 11.01
CA ASP A 164 4.41 -30.59 9.76
C ASP A 164 3.31 -29.68 9.22
N TYR A 165 3.58 -28.34 9.18
CA TYR A 165 2.60 -27.36 8.73
C TYR A 165 2.87 -26.92 7.27
N SER A 166 3.89 -27.46 6.56
CA SER A 166 4.16 -27.08 5.16
C SER A 166 2.90 -26.93 4.33
N GLY A 167 2.82 -25.78 3.64
CA GLY A 167 1.76 -25.51 2.68
C GLY A 167 0.43 -25.23 3.39
N GLN A 168 0.43 -25.19 4.74
CA GLN A 168 -0.79 -24.75 5.39
C GLN A 168 -0.62 -23.32 5.90
N GLY A 169 -1.72 -22.55 5.79
CA GLY A 169 -1.85 -21.18 6.25
C GLY A 169 -1.01 -20.28 5.37
N VAL A 170 -1.06 -18.97 5.63
CA VAL A 170 -0.29 -18.03 4.85
C VAL A 170 1.09 -17.80 5.47
N ASP A 171 2.07 -17.92 4.59
CA ASP A 171 3.43 -17.58 4.91
C ASP A 171 3.62 -16.07 4.83
N GLN A 172 3.17 -15.36 5.87
CA GLN A 172 3.20 -13.89 5.77
C GLN A 172 4.65 -13.43 5.66
N LEU A 173 5.62 -14.14 6.23
CA LEU A 173 6.99 -13.65 6.18
C LEU A 173 7.52 -13.71 4.74
N GLN A 174 7.30 -14.83 4.03
CA GLN A 174 7.78 -14.88 2.65
C GLN A 174 6.97 -13.90 1.79
N ARG A 175 5.69 -13.71 2.10
CA ARG A 175 4.88 -12.80 1.33
C ARG A 175 5.44 -11.34 1.41
N VAL A 176 5.90 -10.88 2.59
CA VAL A 176 6.48 -9.55 2.78
C VAL A 176 7.70 -9.42 1.88
N ILE A 177 8.60 -10.42 1.96
CA ILE A 177 9.81 -10.43 1.13
C ILE A 177 9.50 -10.38 -0.37
N ASP A 178 8.55 -11.21 -0.84
CA ASP A 178 8.19 -11.20 -2.24
C ASP A 178 7.71 -9.81 -2.65
N THR A 179 6.84 -9.18 -1.83
CA THR A 179 6.24 -7.93 -2.24
C THR A 179 7.34 -6.87 -2.31
N ILE A 180 8.28 -6.96 -1.34
CA ILE A 180 9.35 -5.98 -1.35
C ILE A 180 10.15 -6.09 -2.64
N LYS A 181 10.48 -7.32 -3.06
CA LYS A 181 11.26 -7.51 -4.28
C LYS A 181 10.50 -6.99 -5.52
N THR A 182 9.19 -7.19 -5.63
CA THR A 182 8.52 -6.96 -6.90
C THR A 182 7.83 -5.58 -6.96
N ASN A 183 7.21 -5.13 -5.84
CA ASN A 183 6.49 -3.89 -5.79
C ASN A 183 6.72 -3.14 -4.48
N PRO A 184 7.88 -2.45 -4.37
CA PRO A 184 8.26 -1.79 -3.12
C PRO A 184 7.37 -0.60 -2.74
N ASP A 185 6.59 -0.07 -3.68
CA ASP A 185 5.62 0.99 -3.40
C ASP A 185 4.36 0.49 -2.65
N ASP A 186 4.11 -0.82 -2.61
CA ASP A 186 2.96 -1.41 -1.95
C ASP A 186 2.72 -0.85 -0.51
N ARG A 187 1.49 -0.43 -0.23
CA ARG A 187 1.05 0.09 1.05
C ARG A 187 0.41 -1.00 1.91
N ARG A 188 0.62 -2.26 1.53
CA ARG A 188 0.00 -3.38 2.21
C ARG A 188 1.07 -4.36 2.67
N ILE A 189 2.32 -3.96 2.95
CA ILE A 189 3.29 -4.98 3.34
C ILE A 189 3.24 -5.20 4.85
N ILE A 190 2.35 -6.14 5.26
CA ILE A 190 2.02 -6.33 6.65
C ILE A 190 2.25 -7.78 7.04
N MET A 191 2.72 -7.94 8.27
CA MET A 191 2.77 -9.21 8.94
C MET A 191 2.03 -9.07 10.28
N CYS A 192 0.93 -9.82 10.45
CA CYS A 192 0.09 -9.78 11.64
C CYS A 192 0.26 -11.07 12.48
N ALA A 193 0.46 -10.95 13.78
CA ALA A 193 0.49 -12.13 14.65
C ALA A 193 -0.77 -12.23 15.49
N TRP A 194 -1.61 -11.19 15.46
CA TRP A 194 -2.81 -11.19 16.25
C TRP A 194 -3.88 -11.96 15.48
N ASN A 195 -4.29 -13.11 16.03
CA ASN A 195 -5.22 -13.98 15.33
C ASN A 195 -6.32 -14.32 16.31
N PRO A 196 -7.45 -13.59 16.30
CA PRO A 196 -8.51 -13.80 17.28
C PRO A 196 -8.86 -15.29 17.47
N ARG A 197 -8.96 -15.99 16.29
CA ARG A 197 -9.38 -17.39 16.31
C ARG A 197 -8.44 -18.24 17.17
N ASP A 198 -7.15 -17.89 17.24
CA ASP A 198 -6.14 -18.76 17.82
C ASP A 198 -5.77 -18.39 19.25
N LEU A 199 -6.27 -17.24 19.75
CA LEU A 199 -5.86 -16.73 21.04
C LEU A 199 -6.11 -17.77 22.13
N PRO A 200 -7.27 -18.47 22.16
CA PRO A 200 -7.52 -19.46 23.21
C PRO A 200 -6.46 -20.54 23.38
N LEU A 201 -5.70 -20.86 22.32
CA LEU A 201 -4.72 -21.94 22.40
C LEU A 201 -3.33 -21.43 22.75
N MET A 202 -3.17 -20.12 22.95
CA MET A 202 -1.83 -19.53 23.05
C MET A 202 -1.46 -19.49 24.51
N ALA A 203 -0.16 -19.71 24.75
CA ALA A 203 0.47 -19.62 26.04
C ALA A 203 0.27 -18.21 26.63
N LEU A 204 0.42 -17.16 25.77
CA LEU A 204 -0.21 -15.86 26.06
C LEU A 204 -0.34 -15.02 24.80
N PRO A 205 -1.24 -14.03 24.79
CA PRO A 205 -1.62 -13.37 23.54
C PRO A 205 -0.46 -12.49 23.04
N PRO A 206 -0.18 -12.36 21.70
CA PRO A 206 1.04 -11.68 21.23
C PRO A 206 1.03 -10.21 21.70
N CYS A 207 2.17 -9.68 22.21
CA CYS A 207 2.31 -8.25 22.49
C CYS A 207 2.50 -7.46 21.18
N HIS A 208 3.22 -8.06 20.23
CA HIS A 208 3.57 -7.47 18.92
C HIS A 208 2.50 -7.84 17.88
N ALA A 209 1.45 -7.01 17.81
CA ALA A 209 0.24 -7.39 17.12
C ALA A 209 0.46 -7.45 15.60
N LEU A 210 1.22 -6.50 15.05
CA LEU A 210 1.51 -6.43 13.63
C LEU A 210 2.69 -5.55 13.36
N CYS A 211 3.37 -5.81 12.24
CA CYS A 211 4.27 -4.81 11.73
C CYS A 211 3.99 -4.53 10.26
N GLN A 212 4.43 -3.35 9.85
CA GLN A 212 4.25 -2.92 8.47
C GLN A 212 5.61 -2.46 7.91
N PHE A 213 5.93 -2.85 6.66
CA PHE A 213 7.17 -2.44 5.99
C PHE A 213 6.84 -1.41 4.92
N TYR A 214 7.85 -0.62 4.55
CA TYR A 214 7.72 0.54 3.70
C TYR A 214 9.08 0.81 3.05
N VAL A 215 9.04 1.19 1.76
CA VAL A 215 10.27 1.32 1.00
C VAL A 215 10.16 2.64 0.26
N VAL A 216 11.19 3.43 0.37
CA VAL A 216 11.35 4.58 -0.49
C VAL A 216 12.85 4.86 -0.54
N ASN A 217 13.31 5.33 -1.71
CA ASN A 217 14.70 5.65 -2.00
C ASN A 217 15.65 4.51 -1.65
N SER A 218 15.27 3.27 -1.98
CA SER A 218 16.07 2.09 -1.69
C SER A 218 16.27 1.84 -0.20
N GLU A 219 15.44 2.46 0.65
CA GLU A 219 15.52 2.27 2.10
C GLU A 219 14.26 1.56 2.61
N LEU A 220 14.50 0.55 3.45
CA LEU A 220 13.46 -0.25 4.03
C LEU A 220 13.21 0.22 5.46
N SER A 221 11.97 0.67 5.75
CA SER A 221 11.54 0.99 7.10
C SER A 221 10.55 -0.03 7.64
N CYS A 222 10.35 -0.03 9.00
CA CYS A 222 9.45 -0.97 9.63
C CYS A 222 8.72 -0.28 10.77
N GLN A 223 7.39 -0.52 10.87
CA GLN A 223 6.60 0.00 11.97
C GLN A 223 5.99 -1.20 12.71
N LEU A 224 6.29 -1.28 14.00
CA LEU A 224 5.68 -2.25 14.92
C LEU A 224 4.50 -1.61 15.68
N TYR A 225 3.36 -2.31 15.68
CA TYR A 225 2.30 -2.02 16.62
C TYR A 225 2.37 -2.96 17.81
N GLN A 226 2.78 -2.41 18.97
CA GLN A 226 2.95 -3.22 20.18
C GLN A 226 1.80 -2.84 21.11
N ARG A 227 0.90 -3.81 21.37
CA ARG A 227 -0.32 -3.47 22.10
C ARG A 227 -0.02 -3.08 23.56
N SER A 228 1.13 -3.51 24.10
CA SER A 228 1.35 -3.51 25.54
C SER A 228 2.87 -3.57 25.75
N GLY A 229 3.44 -2.56 26.44
CA GLY A 229 4.89 -2.48 26.53
C GLY A 229 5.34 -2.25 27.99
N ASP A 230 6.07 -3.22 28.54
CA ASP A 230 6.73 -3.16 29.85
C ASP A 230 7.98 -2.34 29.60
N MET A 231 7.90 -1.06 29.91
CA MET A 231 8.93 -0.17 29.37
C MET A 231 10.32 -0.53 29.93
N GLY A 232 10.35 -1.03 31.18
CA GLY A 232 11.60 -1.40 31.83
C GLY A 232 12.26 -2.64 31.21
N LEU A 233 11.50 -3.74 31.11
CA LEU A 233 12.09 -5.05 30.88
C LEU A 233 11.86 -5.48 29.43
N GLY A 234 10.66 -5.24 28.87
CA GLY A 234 10.39 -5.70 27.52
C GLY A 234 10.93 -4.74 26.44
N VAL A 235 10.60 -3.45 26.57
CA VAL A 235 10.72 -2.61 25.37
C VAL A 235 12.12 -2.55 24.73
N PRO A 236 13.21 -2.35 25.50
CA PRO A 236 14.55 -2.30 24.91
C PRO A 236 14.84 -3.55 24.07
N PHE A 237 14.41 -4.72 24.53
CA PHE A 237 14.58 -5.96 23.76
C PHE A 237 13.73 -5.95 22.48
N ASN A 238 12.45 -5.51 22.63
CA ASN A 238 11.49 -5.52 21.53
C ASN A 238 12.01 -4.60 20.40
N ILE A 239 12.60 -3.45 20.76
CA ILE A 239 13.23 -2.55 19.80
C ILE A 239 14.35 -3.24 19.04
N ALA A 240 15.17 -4.04 19.71
CA ALA A 240 16.30 -4.67 19.04
C ALA A 240 15.74 -5.82 18.17
N SER A 241 14.71 -6.60 18.62
CA SER A 241 14.13 -7.64 17.75
C SER A 241 13.72 -7.08 16.38
N TYR A 242 12.92 -6.02 16.39
CA TYR A 242 12.37 -5.57 15.09
C TYR A 242 13.40 -4.82 14.26
N ALA A 243 14.37 -4.15 14.92
CA ALA A 243 15.48 -3.54 14.19
C ALA A 243 16.24 -4.64 13.46
N LEU A 244 16.46 -5.75 14.17
CA LEU A 244 17.14 -6.90 13.60
C LEU A 244 16.34 -7.52 12.44
N LEU A 245 15.04 -7.77 12.62
CA LEU A 245 14.23 -8.26 11.51
C LEU A 245 14.35 -7.34 10.29
N THR A 246 14.33 -6.01 10.48
CA THR A 246 14.45 -5.11 9.33
C THR A 246 15.85 -5.19 8.69
N TYR A 247 16.89 -5.37 9.52
CA TYR A 247 18.20 -5.50 8.87
C TYR A 247 18.22 -6.76 8.00
N MET A 248 17.60 -7.84 8.51
CA MET A 248 17.64 -9.12 7.81
C MET A 248 16.88 -9.00 6.50
N ILE A 249 15.69 -8.40 6.55
CA ILE A 249 14.90 -8.35 5.34
C ILE A 249 15.54 -7.38 4.37
N ALA A 250 16.13 -6.29 4.86
CA ALA A 250 16.83 -5.36 3.96
C ALA A 250 17.96 -6.12 3.23
N HIS A 251 18.66 -6.98 3.94
CA HIS A 251 19.80 -7.69 3.39
C HIS A 251 19.33 -8.60 2.26
N ILE A 252 18.26 -9.36 2.47
CA ILE A 252 17.94 -10.28 1.40
C ILE A 252 17.26 -9.58 0.22
N THR A 253 16.71 -8.38 0.40
CA THR A 253 16.04 -7.68 -0.68
C THR A 253 16.96 -6.64 -1.31
N GLY A 254 18.22 -6.52 -0.87
CA GLY A 254 19.18 -5.57 -1.41
C GLY A 254 18.78 -4.11 -1.15
N LEU A 255 18.19 -3.87 0.04
CA LEU A 255 17.81 -2.51 0.36
C LEU A 255 18.69 -2.06 1.52
N LYS A 256 18.68 -0.78 1.86
CA LYS A 256 19.39 -0.30 3.05
C LYS A 256 18.40 -0.12 4.21
N PRO A 257 18.72 -0.48 5.46
CA PRO A 257 17.78 -0.24 6.57
C PRO A 257 17.52 1.25 6.69
N GLY A 258 16.24 1.63 6.88
CA GLY A 258 15.82 3.02 7.05
C GLY A 258 15.54 3.39 8.53
N ASP A 259 14.24 3.44 8.90
CA ASP A 259 13.81 3.77 10.25
C ASP A 259 13.05 2.59 10.85
N PHE A 260 13.13 2.43 12.17
CA PHE A 260 12.25 1.56 12.95
C PHE A 260 11.28 2.47 13.72
N ILE A 261 9.96 2.36 13.49
CA ILE A 261 8.99 3.22 14.16
C ILE A 261 8.33 2.33 15.22
N HIS A 262 8.50 2.69 16.48
CA HIS A 262 7.88 1.87 17.51
C HIS A 262 6.58 2.52 17.99
N THR A 263 5.45 1.88 17.70
CA THR A 263 4.19 2.37 18.22
C THR A 263 3.69 1.53 19.42
N LEU A 264 3.26 2.22 20.50
CA LEU A 264 2.73 1.52 21.66
C LEU A 264 1.25 1.82 21.93
N GLY A 265 0.50 0.77 22.41
CA GLY A 265 -0.80 0.87 23.03
C GLY A 265 -0.62 1.28 24.50
N ASP A 266 -0.70 0.29 25.42
CA ASP A 266 -0.56 0.55 26.86
C ASP A 266 0.95 0.51 27.16
N ALA A 267 1.58 1.68 27.19
CA ALA A 267 2.96 1.85 27.53
C ALA A 267 3.03 2.05 29.05
N HIS A 268 3.71 1.14 29.75
CA HIS A 268 3.61 1.24 31.19
C HIS A 268 4.98 1.04 31.89
N ILE A 269 5.06 1.60 33.10
CA ILE A 269 6.13 1.24 34.01
C ILE A 269 5.55 0.55 35.26
N TYR A 270 6.03 -0.67 35.54
CA TYR A 270 5.63 -1.32 36.78
C TYR A 270 6.25 -0.56 37.96
N LEU A 271 5.43 -0.40 39.01
CA LEU A 271 5.83 0.40 40.16
C LEU A 271 7.18 -0.02 40.74
N ASN A 272 7.52 -1.30 40.71
CA ASN A 272 8.79 -1.71 41.30
C ASN A 272 9.91 -1.55 40.28
N HIS A 273 9.65 -0.87 39.13
CA HIS A 273 10.75 -0.60 38.20
C HIS A 273 11.19 0.86 38.34
N ILE A 274 10.44 1.61 39.12
CA ILE A 274 10.67 3.05 39.14
C ILE A 274 12.09 3.38 39.61
N GLU A 275 12.46 2.79 40.75
CA GLU A 275 13.76 3.01 41.37
C GLU A 275 14.87 2.60 40.38
N PRO A 276 14.96 1.35 39.87
CA PRO A 276 15.98 1.04 38.85
C PRO A 276 15.96 1.90 37.57
N LEU A 277 14.79 2.36 37.08
CA LEU A 277 14.78 3.19 35.87
C LEU A 277 15.36 4.57 36.22
N LYS A 278 15.05 5.08 37.42
CA LYS A 278 15.71 6.33 37.83
C LYS A 278 17.25 6.22 37.85
N ILE A 279 17.80 5.05 38.17
CA ILE A 279 19.26 4.91 38.09
C ILE A 279 19.69 4.98 36.61
N GLN A 280 18.90 4.35 35.72
CA GLN A 280 19.23 4.24 34.33
C GLN A 280 19.21 5.65 33.73
N LEU A 281 18.22 6.45 34.14
CA LEU A 281 18.06 7.79 33.59
C LEU A 281 19.27 8.68 33.86
N GLN A 282 20.16 8.31 34.77
CA GLN A 282 21.27 9.22 34.98
C GLN A 282 22.51 8.77 34.20
N ARG A 283 22.42 7.69 33.43
CA ARG A 283 23.63 7.28 32.71
C ARG A 283 23.64 7.93 31.34
N GLU A 284 24.85 8.17 30.84
CA GLU A 284 25.04 8.92 29.62
C GLU A 284 25.08 7.88 28.51
N PRO A 285 24.23 7.99 27.47
CA PRO A 285 24.24 7.02 26.37
C PRO A 285 25.61 7.00 25.67
N ARG A 286 26.14 5.81 25.42
CA ARG A 286 27.34 5.62 24.60
C ARG A 286 26.89 5.32 23.16
N PRO A 287 27.77 5.46 22.14
CA PRO A 287 27.29 5.43 20.76
C PRO A 287 26.70 4.05 20.49
N PHE A 288 25.60 3.99 19.73
CA PHE A 288 24.97 2.70 19.41
C PHE A 288 26.02 1.85 18.67
N PRO A 289 25.98 0.51 18.76
CA PRO A 289 26.94 -0.29 18.00
C PRO A 289 26.52 -0.29 16.53
N LYS A 290 27.26 -1.04 15.70
CA LYS A 290 26.83 -1.37 14.36
C LYS A 290 26.48 -2.85 14.34
N LEU A 291 25.67 -3.28 13.37
CA LEU A 291 25.44 -4.70 13.21
C LEU A 291 26.02 -5.06 11.86
N ARG A 292 26.79 -6.14 11.80
CA ARG A 292 27.35 -6.64 10.56
C ARG A 292 26.82 -8.03 10.19
N ILE A 293 26.46 -8.23 8.91
CA ILE A 293 26.09 -9.54 8.40
C ILE A 293 27.29 -10.04 7.58
N LEU A 294 27.72 -11.29 7.80
CA LEU A 294 29.10 -11.68 7.47
C LEU A 294 29.19 -12.36 6.12
N ARG A 295 28.11 -12.98 5.62
CA ARG A 295 28.08 -13.43 4.24
C ARG A 295 26.86 -12.84 3.52
N LYS A 296 26.85 -12.88 2.17
CA LYS A 296 25.64 -12.67 1.37
C LYS A 296 24.69 -13.85 1.63
N VAL A 297 23.40 -13.58 1.90
CA VAL A 297 22.44 -14.63 2.24
C VAL A 297 21.27 -14.52 1.26
N GLU A 298 20.78 -15.67 0.77
CA GLU A 298 19.80 -15.71 -0.31
C GLU A 298 18.38 -15.81 0.25
N LYS A 299 18.07 -16.71 1.19
CA LYS A 299 16.70 -16.81 1.69
C LYS A 299 16.70 -16.50 3.19
N ILE A 300 15.60 -15.94 3.72
CA ILE A 300 15.53 -15.57 5.12
C ILE A 300 15.76 -16.82 6.01
N ASP A 301 15.30 -18.00 5.57
CA ASP A 301 15.45 -19.25 6.31
C ASP A 301 16.91 -19.70 6.39
N ASP A 302 17.80 -19.01 5.69
CA ASP A 302 19.18 -19.41 5.56
C ASP A 302 20.05 -18.83 6.67
N PHE A 303 19.64 -17.70 7.26
CA PHE A 303 20.46 -17.03 8.26
C PHE A 303 20.69 -17.95 9.46
N LYS A 304 21.91 -17.92 9.98
CA LYS A 304 22.27 -18.62 11.21
C LYS A 304 22.89 -17.58 12.15
N ALA A 305 22.89 -17.88 13.48
CA ALA A 305 23.40 -16.95 14.48
C ALA A 305 24.76 -16.37 14.08
N GLU A 306 25.65 -17.19 13.52
CA GLU A 306 27.01 -16.69 13.42
C GLU A 306 27.21 -15.85 12.17
N ASP A 307 26.12 -15.61 11.43
CA ASP A 307 26.15 -14.69 10.30
C ASP A 307 26.17 -13.22 10.74
N PHE A 308 25.97 -12.96 12.04
CA PHE A 308 25.80 -11.61 12.54
C PHE A 308 26.83 -11.31 13.62
N GLN A 309 27.32 -10.07 13.60
CA GLN A 309 28.28 -9.60 14.60
C GLN A 309 27.85 -8.21 15.05
N ILE A 310 27.60 -8.07 16.36
CA ILE A 310 27.42 -6.72 16.86
C ILE A 310 28.83 -6.21 17.12
N GLU A 311 29.09 -4.96 16.71
CA GLU A 311 30.44 -4.41 16.74
C GLU A 311 30.38 -3.15 17.58
N GLY A 312 31.32 -2.97 18.51
CA GLY A 312 31.35 -1.74 19.28
C GLY A 312 30.25 -1.61 20.34
N TYR A 313 29.75 -2.75 20.88
CA TYR A 313 28.71 -2.71 21.90
C TYR A 313 29.36 -2.77 23.28
N ASN A 314 29.37 -1.63 23.99
CA ASN A 314 29.98 -1.64 25.31
C ASN A 314 29.07 -0.94 26.33
N PRO A 315 27.92 -1.53 26.71
CA PRO A 315 26.94 -0.81 27.53
C PRO A 315 27.38 -0.57 28.99
N HIS A 316 26.68 0.38 29.64
CA HIS A 316 26.54 0.50 31.07
C HIS A 316 26.08 -0.84 31.62
N PRO A 317 26.38 -1.17 32.88
CA PRO A 317 26.01 -2.49 33.41
C PRO A 317 24.52 -2.81 33.30
N THR A 318 24.23 -4.11 33.23
CA THR A 318 22.92 -4.70 33.47
C THR A 318 22.20 -4.08 34.68
N ILE A 319 20.89 -3.91 34.51
CA ILE A 319 20.03 -3.43 35.57
C ILE A 319 18.92 -4.43 35.73
N LYS A 320 18.96 -5.18 36.82
CA LYS A 320 17.93 -6.15 37.13
C LYS A 320 16.62 -5.39 37.39
N MET A 321 15.55 -5.94 36.82
CA MET A 321 14.21 -5.46 37.05
C MET A 321 13.30 -6.69 37.19
N GLU A 322 12.55 -6.77 38.30
CA GLU A 322 11.73 -7.94 38.61
C GLU A 322 10.59 -8.13 37.58
N MET A 323 10.43 -9.37 37.07
CA MET A 323 9.33 -9.81 36.22
C MET A 323 7.99 -9.87 36.98
N ALA A 324 6.93 -9.42 36.29
CA ALA A 324 5.59 -9.30 36.86
C ALA A 324 4.89 -10.66 36.88
N PRO B 38 -5.40 25.55 25.78
CA PRO B 38 -4.94 24.34 25.04
C PRO B 38 -5.16 24.50 23.54
N PRO B 39 -4.19 24.16 22.64
CA PRO B 39 -4.44 24.30 21.20
C PRO B 39 -5.63 23.48 20.68
N HIS B 40 -6.29 24.00 19.62
CA HIS B 40 -7.34 23.30 18.92
C HIS B 40 -6.86 21.90 18.46
N GLY B 41 -7.70 20.84 18.62
CA GLY B 41 -7.33 19.47 18.22
C GLY B 41 -6.99 19.34 16.73
N GLU B 42 -7.69 20.13 15.90
CA GLU B 42 -7.48 20.17 14.48
C GLU B 42 -6.05 20.52 14.12
N LEU B 43 -5.34 21.30 14.95
CA LEU B 43 -3.99 21.69 14.56
C LEU B 43 -3.11 20.45 14.45
N GLN B 44 -3.47 19.37 15.16
CA GLN B 44 -2.77 18.11 15.02
C GLN B 44 -2.83 17.62 13.56
N TYR B 45 -4.04 17.55 12.97
CA TYR B 45 -4.15 17.12 11.57
C TYR B 45 -3.45 18.14 10.67
N LEU B 46 -3.71 19.42 10.88
CA LEU B 46 -3.09 20.39 9.99
C LEU B 46 -1.57 20.31 10.06
N GLY B 47 -1.01 20.08 11.26
CA GLY B 47 0.44 20.02 11.33
C GLY B 47 0.99 18.73 10.69
N GLN B 48 0.16 17.69 10.64
CA GLN B 48 0.58 16.52 9.86
C GLN B 48 0.70 16.90 8.36
N ILE B 49 -0.32 17.61 7.85
CA ILE B 49 -0.25 18.01 6.46
C ILE B 49 1.06 18.79 6.23
N GLN B 50 1.31 19.79 7.05
CA GLN B 50 2.48 20.66 6.86
C GLN B 50 3.74 19.82 6.90
N HIS B 51 3.79 18.82 7.80
CA HIS B 51 4.96 17.99 7.91
C HIS B 51 5.19 17.22 6.61
N ILE B 52 4.15 16.58 6.05
CA ILE B 52 4.32 15.87 4.80
C ILE B 52 4.70 16.82 3.64
N LEU B 53 4.14 18.03 3.57
CA LEU B 53 4.58 19.01 2.55
C LEU B 53 6.06 19.35 2.74
N ARG B 54 6.47 19.73 3.95
CA ARG B 54 7.85 20.02 4.29
C ARG B 54 8.77 18.82 4.05
N CYS B 55 8.42 17.61 4.51
CA CYS B 55 9.44 16.55 4.66
C CYS B 55 9.10 15.26 3.90
N GLY B 56 7.90 15.20 3.30
CA GLY B 56 7.52 13.97 2.63
C GLY B 56 8.35 13.77 1.37
N VAL B 57 8.55 12.51 0.96
CA VAL B 57 9.29 12.24 -0.26
C VAL B 57 8.32 11.69 -1.31
N ARG B 58 8.69 11.92 -2.57
CA ARG B 58 7.94 11.48 -3.72
C ARG B 58 7.95 9.96 -3.83
N LYS B 59 6.77 9.41 -3.99
CA LYS B 59 6.60 7.97 -4.00
C LYS B 59 5.46 7.75 -4.98
N ASP B 60 5.66 6.82 -5.92
CA ASP B 60 4.63 6.42 -6.88
C ASP B 60 3.56 5.52 -6.24
N ASP B 61 2.39 5.44 -6.89
CA ASP B 61 1.30 4.70 -6.29
C ASP B 61 0.62 3.76 -7.29
N ARG B 62 -0.11 2.79 -6.69
CA ARG B 62 -0.80 1.69 -7.32
C ARG B 62 -1.63 2.13 -8.53
N THR B 63 -1.97 3.43 -8.63
CA THR B 63 -2.74 3.99 -9.73
C THR B 63 -1.82 4.68 -10.71
N GLY B 64 -0.98 5.61 -10.21
CA GLY B 64 -0.04 6.36 -11.03
C GLY B 64 -0.34 7.86 -11.09
N THR B 65 -0.48 8.48 -9.91
CA THR B 65 -0.78 9.92 -9.80
C THR B 65 0.36 10.63 -9.06
N GLY B 66 1.08 9.90 -8.17
CA GLY B 66 2.17 10.49 -7.38
C GLY B 66 1.74 10.96 -5.99
N THR B 67 2.60 10.80 -4.96
CA THR B 67 2.30 11.24 -3.61
C THR B 67 3.53 11.90 -2.98
N LEU B 68 3.30 12.77 -2.01
CA LEU B 68 4.31 13.01 -0.99
C LEU B 68 3.93 12.12 0.18
N SER B 69 4.94 11.51 0.78
CA SER B 69 4.78 10.38 1.70
C SER B 69 5.71 10.51 2.91
N VAL B 70 5.16 10.14 4.10
CA VAL B 70 5.93 9.91 5.30
C VAL B 70 5.46 8.56 5.84
N PHE B 71 6.39 7.79 6.46
CA PHE B 71 5.97 6.56 7.07
C PHE B 71 6.06 6.71 8.59
N GLY B 72 4.95 6.45 9.33
CA GLY B 72 4.94 6.53 10.81
C GLY B 72 4.48 7.92 11.29
N MET B 73 3.22 8.10 11.66
CA MET B 73 2.84 9.38 12.29
C MET B 73 1.84 9.01 13.38
N GLN B 74 1.60 9.93 14.31
CA GLN B 74 0.66 9.70 15.39
C GLN B 74 0.07 11.04 15.86
N ALA B 75 -1.25 11.13 16.13
CA ALA B 75 -1.89 12.32 16.62
C ALA B 75 -2.90 11.90 17.67
N ARG B 76 -3.22 12.76 18.62
CA ARG B 76 -4.10 12.40 19.73
C ARG B 76 -5.25 13.40 19.67
N TYR B 77 -6.50 12.93 19.64
CA TYR B 77 -7.62 13.87 19.62
C TYR B 77 -8.46 13.64 20.87
N SER B 78 -8.58 14.70 21.67
CA SER B 78 -9.47 14.68 22.82
C SER B 78 -10.92 14.45 22.40
N LEU B 79 -11.57 13.48 23.05
CA LEU B 79 -13.00 13.27 22.88
C LEU B 79 -13.82 13.87 24.05
N ARG B 80 -13.18 14.60 24.96
CA ARG B 80 -13.80 15.13 26.19
C ARG B 80 -14.65 16.38 25.87
N ASP B 81 -15.97 16.18 25.84
CA ASP B 81 -16.91 17.26 25.69
C ASP B 81 -16.70 17.94 24.34
N GLU B 82 -16.15 17.18 23.39
CA GLU B 82 -16.05 17.63 22.02
C GLU B 82 -15.83 16.42 21.09
N PHE B 83 -16.19 16.66 19.81
CA PHE B 83 -16.18 15.65 18.78
C PHE B 83 -15.32 16.21 17.64
N PRO B 84 -14.21 15.51 17.30
CA PRO B 84 -13.25 16.00 16.30
C PRO B 84 -13.75 15.75 14.88
N LEU B 85 -14.79 16.48 14.48
CA LEU B 85 -15.21 16.50 13.08
C LEU B 85 -14.52 17.71 12.44
N LEU B 86 -13.56 17.50 11.54
CA LEU B 86 -12.72 18.62 11.10
C LEU B 86 -13.55 19.80 10.56
N THR B 87 -13.06 21.03 10.81
CA THR B 87 -13.81 22.25 10.49
C THR B 87 -13.25 23.03 9.29
N THR B 88 -11.98 22.81 8.94
CA THR B 88 -11.33 23.54 7.88
C THR B 88 -11.73 23.06 6.48
N LYS B 89 -12.55 22.01 6.42
CA LYS B 89 -13.26 21.56 5.23
C LYS B 89 -14.34 20.61 5.72
N ARG B 90 -15.54 20.73 5.15
CA ARG B 90 -16.69 19.92 5.51
C ARG B 90 -16.35 18.42 5.38
N VAL B 91 -16.61 17.61 6.42
CA VAL B 91 -16.53 16.15 6.42
C VAL B 91 -17.95 15.58 6.23
N PHE B 92 -18.05 14.50 5.45
CA PHE B 92 -19.33 13.84 5.13
C PHE B 92 -19.91 13.05 6.32
N TRP B 93 -20.56 13.76 7.25
CA TRP B 93 -20.90 13.18 8.52
C TRP B 93 -21.88 12.02 8.32
N LYS B 94 -22.94 12.25 7.55
CA LYS B 94 -23.93 11.22 7.27
C LYS B 94 -23.26 9.93 6.75
N GLY B 95 -22.24 10.04 5.88
CA GLY B 95 -21.51 8.86 5.42
C GLY B 95 -20.77 8.13 6.56
N VAL B 96 -20.17 8.91 7.46
CA VAL B 96 -19.44 8.34 8.57
C VAL B 96 -20.40 7.48 9.38
N LEU B 97 -21.52 8.11 9.76
CA LEU B 97 -22.40 7.48 10.72
C LEU B 97 -23.04 6.26 10.04
N GLU B 98 -23.51 6.43 8.81
CA GLU B 98 -24.21 5.39 8.12
C GLU B 98 -23.27 4.21 7.86
N GLU B 99 -22.04 4.48 7.43
CA GLU B 99 -21.05 3.42 7.17
C GLU B 99 -20.78 2.62 8.46
N LEU B 100 -20.74 3.31 9.57
CA LEU B 100 -20.34 2.63 10.81
C LEU B 100 -21.45 1.67 11.25
N LEU B 101 -22.73 2.13 11.13
CA LEU B 101 -23.90 1.34 11.46
C LEU B 101 -23.93 0.08 10.58
N TRP B 102 -23.43 0.23 9.36
CA TRP B 102 -23.40 -0.83 8.38
C TRP B 102 -22.35 -1.88 8.74
N PHE B 103 -21.13 -1.42 9.11
CA PHE B 103 -20.13 -2.29 9.73
C PHE B 103 -20.74 -3.05 10.90
N ILE B 104 -21.41 -2.31 11.81
CA ILE B 104 -21.79 -2.89 13.09
C ILE B 104 -22.77 -4.04 12.83
N LYS B 105 -23.63 -3.87 11.79
CA LYS B 105 -24.59 -4.88 11.34
C LYS B 105 -23.91 -6.15 10.82
N GLY B 106 -22.63 -6.08 10.45
CA GLY B 106 -21.90 -7.20 9.86
C GLY B 106 -22.11 -7.35 8.36
N SER B 107 -22.75 -6.36 7.71
CA SER B 107 -23.01 -6.39 6.25
C SER B 107 -21.72 -6.34 5.42
N THR B 108 -21.67 -7.13 4.35
CA THR B 108 -20.64 -6.99 3.32
C THR B 108 -21.30 -6.69 1.96
N ASN B 109 -22.48 -6.05 2.02
CA ASN B 109 -23.28 -5.79 0.84
C ASN B 109 -23.37 -4.28 0.65
N ALA B 110 -22.65 -3.80 -0.38
CA ALA B 110 -22.65 -2.36 -0.69
C ALA B 110 -24.05 -1.82 -0.92
N LYS B 111 -24.94 -2.66 -1.47
CA LYS B 111 -26.29 -2.20 -1.77
C LYS B 111 -27.02 -1.79 -0.48
N GLU B 112 -26.75 -2.49 0.65
CA GLU B 112 -27.43 -2.16 1.89
C GLU B 112 -26.96 -0.79 2.38
N LEU B 113 -25.70 -0.41 2.09
CA LEU B 113 -25.25 0.92 2.49
C LEU B 113 -25.82 1.94 1.50
N SER B 114 -25.83 1.56 0.21
CA SER B 114 -26.29 2.45 -0.87
C SER B 114 -27.73 2.90 -0.62
N SER B 115 -28.60 1.98 -0.21
CA SER B 115 -30.00 2.30 0.06
C SER B 115 -30.18 3.35 1.15
N LYS B 116 -29.08 3.73 1.84
CA LYS B 116 -29.18 4.72 2.91
C LYS B 116 -28.66 6.06 2.40
N GLY B 117 -28.36 6.13 1.10
CA GLY B 117 -27.92 7.39 0.51
C GLY B 117 -26.40 7.57 0.50
N VAL B 118 -25.67 6.50 0.84
CA VAL B 118 -24.22 6.57 0.98
C VAL B 118 -23.59 5.61 -0.02
N LYS B 119 -22.88 6.18 -1.00
CA LYS B 119 -22.51 5.44 -2.19
C LYS B 119 -21.04 5.04 -2.20
N ILE B 120 -20.32 5.28 -1.10
CA ILE B 120 -18.86 5.26 -1.04
C ILE B 120 -18.26 3.88 -1.33
N TRP B 121 -19.07 2.80 -1.30
CA TRP B 121 -18.53 1.47 -1.55
C TRP B 121 -19.16 0.85 -2.81
N ASP B 122 -20.12 1.56 -3.45
CA ASP B 122 -20.84 1.16 -4.66
C ASP B 122 -19.94 0.69 -5.84
N ALA B 123 -18.91 1.48 -6.21
CA ALA B 123 -17.95 1.09 -7.25
C ALA B 123 -17.27 -0.27 -6.99
N ASN B 124 -16.91 -0.57 -5.72
CA ASN B 124 -16.12 -1.75 -5.45
C ASN B 124 -16.97 -3.01 -5.58
N GLY B 125 -18.28 -2.84 -5.63
CA GLY B 125 -19.14 -4.00 -5.73
C GLY B 125 -19.83 -4.08 -7.09
N SER B 126 -19.43 -3.23 -8.04
CA SER B 126 -20.06 -3.27 -9.37
C SER B 126 -19.53 -4.46 -10.16
N ARG B 127 -20.31 -4.85 -11.18
CA ARG B 127 -20.01 -5.98 -12.04
C ARG B 127 -18.60 -5.88 -12.62
N ASP B 128 -18.22 -4.73 -13.20
CA ASP B 128 -16.88 -4.55 -13.78
C ASP B 128 -15.82 -4.72 -12.68
N PHE B 129 -16.06 -4.07 -11.53
CA PHE B 129 -15.04 -4.08 -10.50
C PHE B 129 -14.76 -5.51 -10.06
N LEU B 130 -15.81 -6.25 -9.72
CA LEU B 130 -15.71 -7.65 -9.32
C LEU B 130 -15.03 -8.50 -10.39
N ASP B 131 -15.46 -8.34 -11.66
CA ASP B 131 -14.84 -9.05 -12.78
C ASP B 131 -13.35 -8.73 -12.91
N SER B 132 -12.99 -7.48 -12.70
CA SER B 132 -11.59 -7.13 -12.87
C SER B 132 -10.71 -7.62 -11.69
N LEU B 133 -11.33 -8.10 -10.58
CA LEU B 133 -10.60 -8.86 -9.55
C LEU B 133 -10.70 -10.36 -9.78
N GLY B 134 -11.50 -10.75 -10.78
CA GLY B 134 -11.60 -12.18 -11.07
C GLY B 134 -12.73 -12.80 -10.25
N PHE B 135 -13.62 -11.95 -9.72
CA PHE B 135 -14.74 -12.46 -8.93
C PHE B 135 -16.00 -12.57 -9.80
N SER B 136 -15.89 -13.23 -10.95
CA SER B 136 -16.96 -13.15 -11.95
C SER B 136 -18.24 -13.86 -11.48
N THR B 137 -18.09 -14.84 -10.59
CA THR B 137 -19.27 -15.58 -10.18
C THR B 137 -19.96 -14.87 -9.03
N ARG B 138 -19.43 -13.71 -8.59
CA ARG B 138 -20.01 -12.94 -7.50
C ARG B 138 -21.22 -12.09 -7.91
N GLU B 139 -22.25 -12.04 -7.06
CA GLU B 139 -23.34 -11.10 -7.28
C GLU B 139 -22.84 -9.68 -6.98
N GLU B 140 -23.36 -8.73 -7.75
CA GLU B 140 -23.17 -7.31 -7.59
C GLU B 140 -23.54 -6.87 -6.17
N GLY B 141 -22.66 -6.04 -5.58
CA GLY B 141 -22.80 -5.58 -4.20
C GLY B 141 -21.91 -6.33 -3.19
N ASP B 142 -21.41 -7.50 -3.58
CA ASP B 142 -20.77 -8.45 -2.68
C ASP B 142 -19.28 -8.08 -2.53
N LEU B 143 -18.93 -7.43 -1.42
CA LEU B 143 -17.59 -6.86 -1.27
C LEU B 143 -16.63 -7.92 -0.79
N GLY B 144 -17.16 -9.12 -0.54
CA GLY B 144 -16.39 -10.15 0.14
C GLY B 144 -16.26 -9.85 1.64
N PRO B 145 -15.32 -10.52 2.33
CA PRO B 145 -15.27 -10.42 3.80
C PRO B 145 -14.51 -9.18 4.31
N VAL B 146 -15.06 -7.97 4.07
CA VAL B 146 -14.42 -6.74 4.56
C VAL B 146 -14.95 -6.40 5.95
N TYR B 147 -14.77 -5.19 6.47
CA TYR B 147 -14.83 -4.89 7.88
C TYR B 147 -16.02 -5.49 8.62
N GLY B 148 -17.25 -5.37 8.09
CA GLY B 148 -18.37 -5.85 8.89
C GLY B 148 -18.28 -7.34 9.27
N PHE B 149 -17.78 -8.15 8.33
CA PHE B 149 -17.60 -9.58 8.56
C PHE B 149 -16.48 -9.83 9.58
N GLN B 150 -15.36 -9.11 9.46
CA GLN B 150 -14.20 -9.36 10.30
C GLN B 150 -14.54 -8.98 11.73
N TRP B 151 -15.26 -7.86 11.90
CA TRP B 151 -15.64 -7.36 13.21
C TRP B 151 -16.61 -8.32 13.95
N ARG B 152 -17.60 -8.85 13.24
CA ARG B 152 -18.64 -9.71 13.82
C ARG B 152 -18.32 -11.20 13.68
N HIS B 153 -17.49 -11.61 12.71
CA HIS B 153 -17.37 -13.06 12.44
C HIS B 153 -15.95 -13.49 12.05
N PHE B 154 -14.93 -12.86 12.66
CA PHE B 154 -13.55 -13.06 12.25
C PHE B 154 -13.22 -14.56 12.28
N GLY B 155 -12.63 -15.07 11.17
CA GLY B 155 -12.15 -16.45 11.16
C GLY B 155 -13.19 -17.44 10.63
N ALA B 156 -14.44 -17.01 10.48
CA ALA B 156 -15.41 -17.86 9.81
C ALA B 156 -15.01 -18.00 8.32
N GLU B 157 -15.47 -19.06 7.62
CA GLU B 157 -15.33 -19.20 6.16
C GLU B 157 -16.31 -18.25 5.44
N TYR B 158 -15.82 -17.35 4.58
CA TYR B 158 -16.77 -16.52 3.85
C TYR B 158 -17.49 -17.34 2.78
N ARG B 159 -18.82 -17.18 2.65
CA ARG B 159 -19.56 -17.83 1.56
C ARG B 159 -20.01 -16.73 0.59
N ASP B 160 -21.09 -16.01 0.88
CA ASP B 160 -21.45 -14.80 0.15
C ASP B 160 -22.12 -13.77 1.07
N MET B 161 -22.51 -12.63 0.50
CA MET B 161 -22.97 -11.52 1.30
C MET B 161 -24.37 -11.76 1.89
N GLU B 162 -25.08 -12.83 1.44
CA GLU B 162 -26.44 -13.12 1.88
C GLU B 162 -26.47 -14.29 2.88
N SER B 163 -25.32 -14.95 3.11
CA SER B 163 -25.26 -16.13 3.97
C SER B 163 -25.53 -15.82 5.44
N ASP B 164 -25.93 -16.89 6.13
CA ASP B 164 -26.19 -16.81 7.54
C ASP B 164 -24.92 -17.13 8.33
N TYR B 165 -24.40 -16.14 9.07
CA TYR B 165 -23.16 -16.31 9.81
C TYR B 165 -23.40 -16.36 11.33
N SER B 166 -24.65 -16.36 11.83
CA SER B 166 -24.93 -16.42 13.26
C SER B 166 -24.08 -17.49 13.95
N GLY B 167 -23.42 -17.10 15.04
CA GLY B 167 -22.63 -18.04 15.84
C GLY B 167 -21.36 -18.54 15.19
N GLN B 168 -20.97 -17.98 14.03
CA GLN B 168 -19.71 -18.36 13.42
C GLN B 168 -18.67 -17.24 13.57
N GLY B 169 -17.39 -17.65 13.73
CA GLY B 169 -16.24 -16.77 13.83
C GLY B 169 -16.29 -16.05 15.18
N VAL B 170 -15.32 -15.15 15.45
CA VAL B 170 -15.19 -14.46 16.70
C VAL B 170 -15.90 -13.12 16.54
N ASP B 171 -16.95 -12.90 17.33
CA ASP B 171 -17.54 -11.56 17.41
C ASP B 171 -16.61 -10.57 18.16
N GLN B 172 -15.66 -9.94 17.45
CA GLN B 172 -14.65 -9.20 18.18
C GLN B 172 -15.31 -7.96 18.77
N LEU B 173 -16.33 -7.43 18.09
CA LEU B 173 -16.88 -6.17 18.59
C LEU B 173 -17.62 -6.40 19.93
N GLN B 174 -18.42 -7.48 20.01
CA GLN B 174 -19.09 -7.77 21.28
C GLN B 174 -18.04 -8.18 22.32
N ARG B 175 -16.98 -8.90 21.92
CA ARG B 175 -15.90 -9.25 22.86
C ARG B 175 -15.30 -7.99 23.54
N VAL B 176 -15.04 -6.91 22.76
CA VAL B 176 -14.40 -5.69 23.26
C VAL B 176 -15.32 -5.04 24.32
N ILE B 177 -16.63 -5.03 24.02
CA ILE B 177 -17.61 -4.37 24.85
C ILE B 177 -17.68 -5.14 26.18
N ASP B 178 -17.68 -6.49 26.12
CA ASP B 178 -17.77 -7.35 27.31
C ASP B 178 -16.55 -7.12 28.19
N THR B 179 -15.36 -7.00 27.56
CA THR B 179 -14.15 -6.90 28.35
C THR B 179 -14.13 -5.52 29.03
N ILE B 180 -14.51 -4.48 28.31
CA ILE B 180 -14.55 -3.15 28.89
C ILE B 180 -15.38 -3.13 30.20
N LYS B 181 -16.56 -3.77 30.20
CA LYS B 181 -17.43 -3.87 31.38
C LYS B 181 -16.85 -4.79 32.47
N THR B 182 -16.25 -5.93 32.13
CA THR B 182 -15.87 -6.90 33.15
C THR B 182 -14.42 -6.72 33.59
N ASN B 183 -13.54 -6.29 32.66
CA ASN B 183 -12.13 -6.24 32.95
C ASN B 183 -11.53 -4.99 32.32
N PRO B 184 -11.85 -3.76 32.80
CA PRO B 184 -11.43 -2.53 32.10
C PRO B 184 -9.93 -2.32 32.02
N ASP B 185 -9.21 -3.04 32.89
CA ASP B 185 -7.76 -2.88 32.94
C ASP B 185 -7.04 -3.66 31.83
N ASP B 186 -7.75 -4.54 31.12
CA ASP B 186 -7.15 -5.42 30.13
C ASP B 186 -6.38 -4.62 29.05
N ARG B 187 -5.21 -5.14 28.67
CA ARG B 187 -4.30 -4.56 27.69
C ARG B 187 -4.40 -5.26 26.35
N ARG B 188 -5.48 -6.08 26.19
CA ARG B 188 -5.66 -6.86 24.96
C ARG B 188 -7.01 -6.57 24.35
N ILE B 189 -7.55 -5.35 24.56
CA ILE B 189 -8.87 -5.05 24.01
C ILE B 189 -8.71 -4.59 22.58
N ILE B 190 -8.63 -5.56 21.65
CA ILE B 190 -8.32 -5.34 20.24
C ILE B 190 -9.43 -5.86 19.34
N MET B 191 -9.75 -5.08 18.29
CA MET B 191 -10.54 -5.57 17.21
C MET B 191 -9.69 -5.51 15.95
N CYS B 192 -9.51 -6.62 15.26
CA CYS B 192 -8.62 -6.66 14.11
C CYS B 192 -9.40 -6.87 12.79
N ALA B 193 -9.13 -6.09 11.73
CA ALA B 193 -9.80 -6.33 10.44
C ALA B 193 -8.83 -6.93 9.44
N TRP B 194 -7.54 -6.94 9.78
CA TRP B 194 -6.53 -7.50 8.88
C TRP B 194 -6.50 -9.02 9.01
N ASN B 195 -7.00 -9.76 8.04
CA ASN B 195 -6.99 -11.21 8.15
C ASN B 195 -6.28 -11.75 6.91
N PRO B 196 -5.00 -12.17 6.99
CA PRO B 196 -4.24 -12.63 5.83
C PRO B 196 -4.87 -13.70 4.94
N ARG B 197 -5.57 -14.68 5.55
CA ARG B 197 -6.32 -15.68 4.78
C ARG B 197 -7.38 -15.01 3.89
N ASP B 198 -8.14 -14.06 4.43
CA ASP B 198 -9.24 -13.48 3.68
C ASP B 198 -8.82 -12.33 2.74
N LEU B 199 -7.59 -11.84 2.86
CA LEU B 199 -7.17 -10.72 2.05
C LEU B 199 -7.49 -10.89 0.56
N PRO B 200 -7.20 -12.04 -0.11
CA PRO B 200 -7.44 -12.15 -1.56
C PRO B 200 -8.92 -12.12 -1.95
N LEU B 201 -9.82 -12.40 -0.98
CA LEU B 201 -11.24 -12.48 -1.21
C LEU B 201 -11.93 -11.12 -1.14
N MET B 202 -11.26 -10.09 -0.59
CA MET B 202 -11.90 -8.82 -0.32
C MET B 202 -11.83 -7.94 -1.57
N ALA B 203 -12.84 -7.09 -1.77
CA ALA B 203 -12.84 -6.20 -2.88
C ALA B 203 -11.68 -5.17 -2.77
N LEU B 204 -11.17 -4.90 -1.56
CA LEU B 204 -10.15 -3.91 -1.23
C LEU B 204 -9.55 -4.33 0.10
N PRO B 205 -8.20 -4.32 0.23
CA PRO B 205 -7.58 -4.69 1.48
C PRO B 205 -7.88 -3.61 2.52
N PRO B 206 -8.17 -3.92 3.80
CA PRO B 206 -8.59 -2.85 4.70
C PRO B 206 -7.48 -1.84 4.94
N CYS B 207 -7.82 -0.55 5.03
CA CYS B 207 -6.90 0.48 5.51
C CYS B 207 -6.78 0.51 7.04
N HIS B 208 -7.87 0.21 7.74
CA HIS B 208 -7.88 0.26 9.19
C HIS B 208 -7.58 -1.13 9.73
N ALA B 209 -6.30 -1.40 10.00
CA ALA B 209 -5.89 -2.78 10.20
C ALA B 209 -6.33 -3.33 11.58
N LEU B 210 -6.23 -2.48 12.61
CA LEU B 210 -6.75 -2.85 13.90
C LEU B 210 -6.97 -1.63 14.76
N CYS B 211 -7.78 -1.81 15.79
CA CYS B 211 -7.83 -0.79 16.80
C CYS B 211 -7.72 -1.41 18.17
N GLN B 212 -7.40 -0.58 19.17
CA GLN B 212 -7.29 -1.05 20.54
C GLN B 212 -8.02 -0.06 21.41
N PHE B 213 -8.64 -0.52 22.54
CA PHE B 213 -9.34 0.28 23.51
C PHE B 213 -8.60 0.21 24.86
N TYR B 214 -8.85 1.15 25.75
CA TYR B 214 -8.06 1.27 26.95
C TYR B 214 -8.92 2.06 27.89
N VAL B 215 -8.98 1.59 29.14
CA VAL B 215 -9.84 2.27 30.09
C VAL B 215 -8.97 2.67 31.27
N VAL B 216 -9.00 3.96 31.62
CA VAL B 216 -8.50 4.32 32.95
C VAL B 216 -9.41 5.43 33.49
N ASN B 217 -9.64 5.46 34.81
CA ASN B 217 -10.39 6.50 35.51
C ASN B 217 -11.72 6.78 34.84
N SER B 218 -12.45 5.71 34.50
CA SER B 218 -13.78 5.89 33.89
C SER B 218 -13.74 6.50 32.48
N GLU B 219 -12.57 6.54 31.85
CA GLU B 219 -12.47 7.12 30.52
C GLU B 219 -12.04 6.05 29.53
N LEU B 220 -12.81 5.93 28.43
CA LEU B 220 -12.51 5.05 27.30
C LEU B 220 -11.72 5.78 26.21
N SER B 221 -10.54 5.23 25.87
CA SER B 221 -9.73 5.68 24.73
C SER B 221 -9.62 4.60 23.64
N CYS B 222 -9.23 5.03 22.44
CA CYS B 222 -9.12 4.10 21.33
C CYS B 222 -7.92 4.50 20.48
N GLN B 223 -7.15 3.53 19.99
CA GLN B 223 -6.06 3.82 19.09
C GLN B 223 -6.31 2.99 17.83
N LEU B 224 -6.28 3.68 16.66
CA LEU B 224 -6.44 3.05 15.37
C LEU B 224 -5.09 2.94 14.70
N TYR B 225 -4.79 1.75 14.19
CA TYR B 225 -3.63 1.59 13.33
C TYR B 225 -4.10 1.59 11.88
N GLN B 226 -3.81 2.72 11.19
CA GLN B 226 -4.25 2.84 9.81
C GLN B 226 -3.02 2.70 8.91
N ARG B 227 -3.00 1.67 8.07
CA ARG B 227 -1.79 1.34 7.32
C ARG B 227 -1.52 2.35 6.18
N SER B 228 -2.52 3.18 5.81
CA SER B 228 -2.39 3.97 4.60
C SER B 228 -3.45 5.08 4.65
N GLY B 229 -3.03 6.35 4.54
CA GLY B 229 -3.97 7.41 4.80
C GLY B 229 -3.75 8.46 3.71
N ASP B 230 -4.76 8.65 2.84
CA ASP B 230 -4.87 9.82 1.97
C ASP B 230 -5.24 11.02 2.85
N MET B 231 -4.25 11.86 3.15
CA MET B 231 -4.44 12.91 4.12
C MET B 231 -5.52 13.91 3.69
N GLY B 232 -5.64 14.22 2.39
CA GLY B 232 -6.67 15.17 1.93
C GLY B 232 -8.10 14.62 1.95
N LEU B 233 -8.34 13.45 1.34
CA LEU B 233 -9.69 12.91 1.18
C LEU B 233 -10.10 11.84 2.22
N GLY B 234 -9.19 10.95 2.67
CA GLY B 234 -9.59 9.85 3.56
C GLY B 234 -9.57 10.21 5.05
N VAL B 235 -8.44 10.72 5.55
CA VAL B 235 -8.12 10.75 6.97
C VAL B 235 -9.21 11.49 7.75
N PRO B 236 -9.75 12.66 7.34
CA PRO B 236 -10.74 13.36 8.16
C PRO B 236 -11.99 12.50 8.45
N PHE B 237 -12.47 11.85 7.39
CA PHE B 237 -13.52 10.82 7.52
C PHE B 237 -13.13 9.75 8.56
N ASN B 238 -11.91 9.24 8.41
CA ASN B 238 -11.49 8.07 9.22
C ASN B 238 -11.41 8.48 10.68
N ILE B 239 -10.98 9.74 10.93
CA ILE B 239 -10.88 10.20 12.31
C ILE B 239 -12.29 10.23 12.91
N ALA B 240 -13.26 10.73 12.14
CA ALA B 240 -14.65 10.78 12.57
C ALA B 240 -15.22 9.39 12.87
N SER B 241 -14.88 8.37 12.05
CA SER B 241 -15.49 7.06 12.24
C SER B 241 -15.06 6.53 13.60
N TYR B 242 -13.75 6.49 13.83
CA TYR B 242 -13.30 5.85 15.07
C TYR B 242 -13.63 6.68 16.31
N ALA B 243 -13.59 8.02 16.27
CA ALA B 243 -14.10 8.83 17.38
C ALA B 243 -15.57 8.46 17.67
N LEU B 244 -16.35 8.27 16.59
CA LEU B 244 -17.74 7.91 16.74
C LEU B 244 -17.85 6.49 17.31
N LEU B 245 -17.01 5.59 16.81
CA LEU B 245 -17.11 4.25 17.40
C LEU B 245 -16.79 4.32 18.91
N THR B 246 -15.84 5.18 19.32
CA THR B 246 -15.51 5.29 20.74
C THR B 246 -16.71 5.88 21.54
N TYR B 247 -17.39 6.92 21.01
CA TYR B 247 -18.55 7.49 21.70
C TYR B 247 -19.61 6.39 21.92
N MET B 248 -19.76 5.50 20.92
CA MET B 248 -20.82 4.50 20.99
C MET B 248 -20.49 3.48 22.08
N ILE B 249 -19.25 2.99 22.07
CA ILE B 249 -18.90 2.00 23.07
C ILE B 249 -18.87 2.65 24.46
N ALA B 250 -18.38 3.89 24.56
CA ALA B 250 -18.44 4.58 25.84
C ALA B 250 -19.87 4.65 26.41
N HIS B 251 -20.83 5.04 25.56
CA HIS B 251 -22.23 5.15 25.93
C HIS B 251 -22.74 3.80 26.45
N ILE B 252 -22.40 2.70 25.75
CA ILE B 252 -23.05 1.50 26.19
C ILE B 252 -22.39 0.91 27.44
N THR B 253 -21.13 1.24 27.74
CA THR B 253 -20.41 0.67 28.87
C THR B 253 -20.41 1.65 30.04
N GLY B 254 -21.17 2.76 29.95
CA GLY B 254 -21.23 3.76 31.00
C GLY B 254 -19.93 4.53 31.27
N LEU B 255 -19.02 4.65 30.28
CA LEU B 255 -17.73 5.33 30.45
C LEU B 255 -17.77 6.69 29.78
N LYS B 256 -16.83 7.56 30.10
CA LYS B 256 -16.76 8.82 29.38
C LYS B 256 -15.75 8.69 28.23
N PRO B 257 -15.99 9.29 27.05
CA PRO B 257 -14.98 9.28 25.98
C PRO B 257 -13.68 9.95 26.42
N GLY B 258 -12.54 9.32 26.16
CA GLY B 258 -11.28 9.89 26.57
C GLY B 258 -10.53 10.47 25.37
N ASP B 259 -9.58 9.71 24.82
CA ASP B 259 -8.76 10.14 23.69
C ASP B 259 -8.99 9.21 22.50
N PHE B 260 -8.90 9.77 21.28
CA PHE B 260 -8.69 8.96 20.10
C PHE B 260 -7.26 9.18 19.59
N ILE B 261 -6.47 8.09 19.52
CA ILE B 261 -5.10 8.17 18.99
C ILE B 261 -5.07 7.60 17.57
N HIS B 262 -4.65 8.40 16.59
CA HIS B 262 -4.59 7.91 15.24
C HIS B 262 -3.13 7.66 14.90
N THR B 263 -2.83 6.40 14.56
CA THR B 263 -1.50 6.05 14.10
C THR B 263 -1.53 5.69 12.61
N LEU B 264 -0.57 6.25 11.84
CA LEU B 264 -0.53 6.07 10.39
C LEU B 264 0.72 5.29 10.05
N GLY B 265 0.61 4.41 9.04
CA GLY B 265 1.74 3.80 8.33
C GLY B 265 2.14 4.79 7.25
N ASP B 266 1.67 4.53 6.00
CA ASP B 266 2.06 5.37 4.86
C ASP B 266 1.10 6.55 4.80
N ALA B 267 1.56 7.66 5.38
CA ALA B 267 0.75 8.87 5.39
C ALA B 267 1.10 9.73 4.15
N HIS B 268 0.10 10.03 3.28
CA HIS B 268 0.44 10.59 1.97
C HIS B 268 -0.55 11.65 1.48
N ILE B 269 -0.02 12.55 0.66
CA ILE B 269 -0.78 13.58 -0.03
C ILE B 269 -0.54 13.38 -1.53
N TYR B 270 -1.64 13.15 -2.27
CA TYR B 270 -1.63 13.06 -3.73
C TYR B 270 -1.16 14.38 -4.34
N LEU B 271 -0.29 14.32 -5.35
CA LEU B 271 0.27 15.54 -5.96
C LEU B 271 -0.83 16.54 -6.29
N ASN B 272 -1.98 16.04 -6.74
CA ASN B 272 -3.07 16.89 -7.22
C ASN B 272 -3.89 17.44 -6.05
N HIS B 273 -3.49 17.16 -4.78
CA HIS B 273 -4.16 17.82 -3.65
C HIS B 273 -3.30 18.92 -3.01
N ILE B 274 -2.04 19.07 -3.43
CA ILE B 274 -1.10 19.93 -2.73
C ILE B 274 -1.59 21.40 -2.72
N GLU B 275 -2.09 21.85 -3.88
CA GLU B 275 -2.79 23.12 -4.09
C GLU B 275 -4.07 23.25 -3.27
N PRO B 276 -5.15 22.46 -3.51
CA PRO B 276 -6.28 22.48 -2.57
C PRO B 276 -5.82 22.54 -1.10
N LEU B 277 -4.76 21.80 -0.70
CA LEU B 277 -4.43 21.69 0.74
C LEU B 277 -3.87 22.99 1.31
N LYS B 278 -3.03 23.62 0.48
CA LYS B 278 -2.56 24.96 0.78
C LYS B 278 -3.71 25.97 0.93
N ILE B 279 -4.81 25.83 0.18
CA ILE B 279 -5.98 26.68 0.41
C ILE B 279 -6.42 26.42 1.86
N GLN B 280 -6.59 25.13 2.17
CA GLN B 280 -7.10 24.74 3.48
C GLN B 280 -6.26 25.25 4.64
N LEU B 281 -4.92 25.19 4.52
CA LEU B 281 -4.03 25.58 5.61
C LEU B 281 -4.13 27.06 6.02
N GLN B 282 -4.85 27.89 5.24
CA GLN B 282 -5.01 29.28 5.65
C GLN B 282 -6.16 29.45 6.64
N ARG B 283 -7.10 28.48 6.65
CA ARG B 283 -8.34 28.56 7.41
C ARG B 283 -8.10 28.27 8.89
N GLU B 284 -8.57 29.19 9.73
CA GLU B 284 -8.59 29.05 11.18
C GLU B 284 -9.59 27.97 11.59
N PRO B 285 -9.17 26.88 12.27
CA PRO B 285 -10.14 25.92 12.79
C PRO B 285 -11.18 26.65 13.64
N ARG B 286 -12.46 26.37 13.46
CA ARG B 286 -13.40 26.82 14.47
C ARG B 286 -13.59 25.74 15.54
N PRO B 287 -14.07 26.09 16.77
CA PRO B 287 -14.31 25.07 17.79
C PRO B 287 -15.09 23.86 17.26
N PHE B 288 -14.62 22.65 17.64
CA PHE B 288 -15.20 21.38 17.21
C PHE B 288 -16.66 21.34 17.64
N PRO B 289 -17.55 20.58 16.99
CA PRO B 289 -18.92 20.48 17.46
C PRO B 289 -18.94 19.52 18.65
N LYS B 290 -20.13 19.35 19.24
CA LYS B 290 -20.42 18.33 20.25
C LYS B 290 -21.23 17.22 19.57
N LEU B 291 -21.11 15.99 20.09
CA LEU B 291 -21.93 14.90 19.62
C LEU B 291 -22.89 14.52 20.73
N ARG B 292 -24.20 14.53 20.43
CA ARG B 292 -25.19 14.15 21.42
C ARG B 292 -25.80 12.80 21.04
N ILE B 293 -25.91 11.89 22.00
CA ILE B 293 -26.68 10.67 21.80
C ILE B 293 -28.05 10.87 22.47
N LEU B 294 -29.13 10.61 21.72
CA LEU B 294 -30.41 11.24 21.99
C LEU B 294 -31.26 10.38 22.93
N ARG B 295 -30.98 9.07 23.02
CA ARG B 295 -31.62 8.21 24.01
C ARG B 295 -30.58 7.29 24.66
N LYS B 296 -30.97 6.59 25.74
CA LYS B 296 -30.11 5.61 26.41
C LYS B 296 -30.22 4.29 25.66
N VAL B 297 -29.07 3.76 25.25
CA VAL B 297 -29.05 2.61 24.37
C VAL B 297 -28.24 1.54 25.08
N GLU B 298 -28.74 0.29 25.04
CA GLU B 298 -28.20 -0.74 25.93
C GLU B 298 -27.26 -1.71 25.20
N LYS B 299 -27.48 -1.91 23.90
CA LYS B 299 -26.76 -2.88 23.06
C LYS B 299 -26.25 -2.16 21.78
N ILE B 300 -25.01 -2.46 21.31
CA ILE B 300 -24.35 -1.75 20.21
C ILE B 300 -25.22 -1.78 18.93
N ASP B 301 -25.86 -2.92 18.66
CA ASP B 301 -26.80 -3.16 17.54
C ASP B 301 -28.05 -2.28 17.58
N ASP B 302 -28.50 -1.82 18.76
CA ASP B 302 -29.76 -1.07 18.84
C ASP B 302 -29.61 0.40 18.42
N PHE B 303 -28.37 0.89 18.21
CA PHE B 303 -28.14 2.25 17.73
C PHE B 303 -28.72 2.43 16.33
N LYS B 304 -29.21 3.64 16.04
CA LYS B 304 -29.76 4.02 14.75
C LYS B 304 -29.30 5.44 14.44
N ALA B 305 -29.38 5.82 13.17
CA ALA B 305 -28.88 7.12 12.75
C ALA B 305 -29.50 8.30 13.51
N GLU B 306 -30.82 8.26 13.81
CA GLU B 306 -31.52 9.37 14.47
C GLU B 306 -31.20 9.39 15.97
N ASP B 307 -30.46 8.37 16.46
CA ASP B 307 -29.92 8.41 17.82
C ASP B 307 -28.87 9.52 17.99
N PHE B 308 -28.43 10.19 16.91
CA PHE B 308 -27.24 11.02 16.99
C PHE B 308 -27.47 12.42 16.43
N GLN B 309 -26.98 13.43 17.13
CA GLN B 309 -27.10 14.82 16.69
C GLN B 309 -25.73 15.49 16.83
N ILE B 310 -25.18 15.93 15.70
CA ILE B 310 -24.03 16.81 15.75
C ILE B 310 -24.52 18.20 16.07
N GLU B 311 -23.93 18.85 17.07
CA GLU B 311 -24.42 20.14 17.50
C GLU B 311 -23.35 21.18 17.17
N GLY B 312 -23.72 22.28 16.49
CA GLY B 312 -22.80 23.40 16.35
C GLY B 312 -21.60 23.09 15.45
N TYR B 313 -21.80 22.29 14.38
CA TYR B 313 -20.80 22.07 13.34
C TYR B 313 -20.83 23.28 12.41
N ASN B 314 -19.77 24.09 12.45
CA ASN B 314 -19.73 25.22 11.51
C ASN B 314 -18.44 25.17 10.69
N PRO B 315 -18.32 24.25 9.70
CA PRO B 315 -17.07 24.14 8.92
C PRO B 315 -16.87 25.28 7.92
N HIS B 316 -15.62 25.48 7.46
CA HIS B 316 -15.28 26.52 6.49
C HIS B 316 -15.85 26.16 5.13
N PRO B 317 -15.70 27.03 4.08
CA PRO B 317 -16.22 26.73 2.73
C PRO B 317 -15.83 25.35 2.21
N THR B 318 -16.80 24.62 1.68
CA THR B 318 -16.56 23.25 1.20
C THR B 318 -15.49 23.25 0.11
N ILE B 319 -14.57 22.27 0.16
CA ILE B 319 -13.46 22.15 -0.79
C ILE B 319 -13.48 20.77 -1.47
N LYS B 320 -13.65 20.75 -2.81
CA LYS B 320 -13.73 19.52 -3.59
C LYS B 320 -12.32 18.95 -3.84
N MET B 321 -12.21 17.62 -3.96
CA MET B 321 -10.93 16.93 -4.16
C MET B 321 -11.15 15.63 -4.93
N GLU B 322 -10.32 15.36 -5.95
CA GLU B 322 -10.45 14.16 -6.77
C GLU B 322 -9.95 12.92 -6.02
N PRO C 38 -6.44 -22.48 -28.66
CA PRO C 38 -5.54 -21.39 -29.11
C PRO C 38 -4.55 -20.93 -28.03
N PRO C 39 -3.21 -20.86 -28.28
CA PRO C 39 -2.28 -20.28 -27.30
C PRO C 39 -2.53 -18.80 -26.95
N HIS C 40 -2.49 -18.45 -25.66
CA HIS C 40 -2.60 -17.06 -25.19
C HIS C 40 -1.68 -16.12 -26.00
N GLY C 41 -2.23 -15.02 -26.52
CA GLY C 41 -1.43 -14.02 -27.23
C GLY C 41 -0.25 -13.44 -26.41
N GLU C 42 -0.34 -13.44 -25.08
CA GLU C 42 0.72 -12.81 -24.29
C GLU C 42 2.00 -13.64 -24.40
N LEU C 43 1.89 -14.93 -24.77
CA LEU C 43 3.09 -15.78 -24.82
C LEU C 43 4.07 -15.29 -25.88
N GLN C 44 3.59 -14.50 -26.84
CA GLN C 44 4.47 -13.89 -27.85
C GLN C 44 5.42 -12.89 -27.18
N TYR C 45 4.89 -12.00 -26.35
CA TYR C 45 5.70 -11.02 -25.63
C TYR C 45 6.61 -11.76 -24.63
N LEU C 46 6.04 -12.70 -23.83
CA LEU C 46 6.89 -13.41 -22.87
C LEU C 46 7.99 -14.18 -23.60
N GLY C 47 7.70 -14.77 -24.79
CA GLY C 47 8.73 -15.52 -25.52
C GLY C 47 9.81 -14.61 -26.11
N GLN C 48 9.49 -13.34 -26.35
CA GLN C 48 10.54 -12.38 -26.73
C GLN C 48 11.41 -12.05 -25.52
N ILE C 49 10.80 -11.91 -24.33
CA ILE C 49 11.57 -11.69 -23.11
C ILE C 49 12.54 -12.88 -22.92
N GLN C 50 12.03 -14.14 -23.01
CA GLN C 50 12.89 -15.31 -22.83
C GLN C 50 14.02 -15.35 -23.88
N HIS C 51 13.69 -15.12 -25.17
CA HIS C 51 14.68 -15.05 -26.23
C HIS C 51 15.81 -14.03 -25.95
N ILE C 52 15.48 -12.81 -25.49
CA ILE C 52 16.51 -11.79 -25.26
C ILE C 52 17.33 -12.20 -24.03
N LEU C 53 16.68 -12.80 -23.02
CA LEU C 53 17.47 -13.26 -21.86
C LEU C 53 18.46 -14.34 -22.29
N ARG C 54 18.02 -15.31 -23.12
CA ARG C 54 18.84 -16.42 -23.58
C ARG C 54 19.91 -15.96 -24.57
N CYS C 55 19.55 -15.20 -25.62
CA CYS C 55 20.43 -14.98 -26.76
C CYS C 55 20.78 -13.51 -27.00
N GLY C 56 20.21 -12.58 -26.23
CA GLY C 56 20.62 -11.19 -26.33
C GLY C 56 22.11 -10.97 -26.01
N VAL C 57 22.71 -9.94 -26.60
CA VAL C 57 24.11 -9.69 -26.34
C VAL C 57 24.15 -8.36 -25.62
N ARG C 58 25.17 -8.26 -24.77
CA ARG C 58 25.35 -7.12 -23.90
C ARG C 58 25.58 -5.93 -24.84
N LYS C 59 24.92 -4.82 -24.60
CA LYS C 59 25.10 -3.68 -25.50
C LYS C 59 24.90 -2.43 -24.64
N ASP C 60 25.83 -1.46 -24.67
CA ASP C 60 25.66 -0.23 -23.90
C ASP C 60 24.67 0.72 -24.56
N ASP C 61 24.08 1.64 -23.79
CA ASP C 61 23.06 2.49 -24.38
C ASP C 61 23.65 3.89 -24.61
N ARG C 62 22.77 4.84 -25.05
CA ARG C 62 23.00 6.27 -25.02
C ARG C 62 23.46 6.79 -23.64
N THR C 63 23.21 6.10 -22.50
CA THR C 63 23.81 6.54 -21.25
C THR C 63 24.12 5.40 -20.28
N GLY C 64 25.11 4.56 -20.66
CA GLY C 64 25.81 3.58 -19.84
C GLY C 64 24.98 2.94 -18.73
N THR C 65 23.80 2.44 -19.09
CA THR C 65 22.97 1.67 -18.18
C THR C 65 23.17 0.17 -18.43
N GLY C 66 23.61 -0.22 -19.64
CA GLY C 66 23.74 -1.63 -19.99
C GLY C 66 22.41 -2.26 -20.41
N THR C 67 22.38 -2.92 -21.59
CA THR C 67 21.24 -3.73 -21.99
C THR C 67 21.69 -5.10 -22.48
N LEU C 68 20.75 -6.03 -22.46
CA LEU C 68 20.77 -7.24 -23.29
C LEU C 68 19.98 -6.94 -24.57
N SER C 69 20.39 -7.48 -25.74
CA SER C 69 19.93 -6.86 -26.97
C SER C 69 19.86 -7.85 -28.15
N VAL C 70 18.71 -7.85 -28.83
CA VAL C 70 18.53 -8.55 -30.11
C VAL C 70 18.09 -7.53 -31.17
N PHE C 71 18.61 -7.64 -32.41
CA PHE C 71 18.16 -6.77 -33.50
C PHE C 71 17.18 -7.56 -34.39
N GLY C 72 15.94 -7.07 -34.50
CA GLY C 72 14.95 -7.57 -35.44
C GLY C 72 14.10 -8.62 -34.75
N MET C 73 12.88 -8.23 -34.35
CA MET C 73 11.93 -9.21 -33.88
C MET C 73 10.56 -8.87 -34.41
N GLN C 74 9.64 -9.85 -34.28
CA GLN C 74 8.30 -9.67 -34.79
C GLN C 74 7.30 -10.48 -33.98
N ALA C 75 6.21 -9.84 -33.55
CA ALA C 75 5.18 -10.64 -32.91
C ALA C 75 3.84 -10.29 -33.49
N ARG C 76 2.88 -11.22 -33.41
CA ARG C 76 1.55 -10.98 -33.98
C ARG C 76 0.51 -11.09 -32.84
N TYR C 77 -0.33 -10.08 -32.66
CA TYR C 77 -1.35 -10.14 -31.60
C TYR C 77 -2.74 -10.05 -32.26
N SER C 78 -3.59 -11.05 -32.07
CA SER C 78 -4.95 -11.02 -32.56
C SER C 78 -5.73 -9.92 -31.82
N LEU C 79 -6.55 -9.17 -32.58
CA LEU C 79 -7.41 -8.17 -31.99
C LEU C 79 -8.87 -8.63 -32.06
N ARG C 80 -9.09 -9.88 -32.44
CA ARG C 80 -10.44 -10.34 -32.77
C ARG C 80 -11.13 -10.78 -31.49
N ASP C 81 -11.99 -9.91 -30.96
CA ASP C 81 -12.72 -10.21 -29.74
C ASP C 81 -11.82 -10.18 -28.50
N GLU C 82 -10.64 -9.58 -28.58
CA GLU C 82 -9.81 -9.44 -27.38
C GLU C 82 -8.89 -8.24 -27.57
N PHE C 83 -8.42 -7.66 -26.45
CA PHE C 83 -7.54 -6.49 -26.51
C PHE C 83 -6.26 -6.87 -25.76
N PRO C 84 -5.08 -6.82 -26.42
CA PRO C 84 -3.83 -7.33 -25.84
C PRO C 84 -3.20 -6.29 -24.90
N LEU C 85 -3.90 -5.99 -23.77
CA LEU C 85 -3.33 -5.34 -22.60
C LEU C 85 -2.73 -6.44 -21.71
N LEU C 86 -1.40 -6.42 -21.48
CA LEU C 86 -0.76 -7.57 -20.82
C LEU C 86 -1.32 -7.82 -19.44
N THR C 87 -1.39 -9.09 -19.07
CA THR C 87 -1.97 -9.45 -17.78
C THR C 87 -0.93 -9.96 -16.76
N THR C 88 0.30 -10.26 -17.22
CA THR C 88 1.27 -10.80 -16.27
C THR C 88 1.90 -9.68 -15.44
N LYS C 89 1.60 -8.39 -15.77
CA LYS C 89 1.69 -7.40 -14.70
C LYS C 89 0.62 -6.34 -14.96
N ARG C 90 0.25 -5.54 -13.95
CA ARG C 90 -0.72 -4.47 -14.22
C ARG C 90 -0.09 -3.43 -15.16
N VAL C 91 -0.79 -3.06 -16.23
CA VAL C 91 -0.30 -2.06 -17.18
C VAL C 91 -1.28 -0.90 -17.21
N PHE C 92 -0.72 0.32 -17.34
CA PHE C 92 -1.31 1.63 -17.19
C PHE C 92 -2.09 2.02 -18.44
N TRP C 93 -3.37 1.75 -18.39
CA TRP C 93 -4.25 1.93 -19.53
C TRP C 93 -4.57 3.40 -19.85
N LYS C 94 -4.79 4.23 -18.83
CA LYS C 94 -5.36 5.54 -19.10
C LYS C 94 -4.34 6.51 -19.69
N GLY C 95 -3.06 6.34 -19.40
CA GLY C 95 -2.05 7.05 -20.16
C GLY C 95 -1.99 6.62 -21.63
N VAL C 96 -2.12 5.33 -21.92
CA VAL C 96 -2.16 4.91 -23.31
C VAL C 96 -3.24 5.72 -24.05
N LEU C 97 -4.43 5.75 -23.48
CA LEU C 97 -5.56 6.28 -24.19
C LEU C 97 -5.43 7.80 -24.30
N GLU C 98 -5.10 8.49 -23.18
CA GLU C 98 -4.93 9.92 -23.20
C GLU C 98 -3.85 10.34 -24.23
N GLU C 99 -2.69 9.68 -24.20
CA GLU C 99 -1.60 10.01 -25.12
C GLU C 99 -2.03 9.90 -26.59
N LEU C 100 -2.78 8.84 -26.93
CA LEU C 100 -3.18 8.65 -28.30
C LEU C 100 -4.17 9.75 -28.77
N LEU C 101 -5.10 10.14 -27.89
CA LEU C 101 -6.06 11.16 -28.28
C LEU C 101 -5.32 12.50 -28.50
N TRP C 102 -4.21 12.67 -27.79
CA TRP C 102 -3.42 13.89 -27.85
C TRP C 102 -2.59 13.92 -29.15
N PHE C 103 -2.04 12.77 -29.59
CA PHE C 103 -1.48 12.67 -30.93
C PHE C 103 -2.55 13.01 -31.99
N ILE C 104 -3.75 12.45 -31.84
CA ILE C 104 -4.72 12.51 -32.89
C ILE C 104 -5.08 13.98 -33.10
N LYS C 105 -5.12 14.71 -31.98
CA LYS C 105 -5.41 16.14 -31.95
C LYS C 105 -4.36 16.93 -32.71
N GLY C 106 -3.14 16.39 -32.84
CA GLY C 106 -2.10 17.10 -33.55
C GLY C 106 -1.30 18.03 -32.64
N SER C 107 -1.46 17.89 -31.31
CA SER C 107 -0.80 18.72 -30.31
C SER C 107 0.69 18.40 -30.19
N THR C 108 1.50 19.44 -30.00
CA THR C 108 2.91 19.27 -29.69
C THR C 108 3.23 19.89 -28.33
N ASN C 109 2.21 20.00 -27.47
CA ASN C 109 2.26 20.73 -26.21
C ASN C 109 2.11 19.76 -25.04
N ALA C 110 3.20 19.57 -24.28
CA ALA C 110 3.21 18.60 -23.19
C ALA C 110 2.17 18.92 -22.13
N LYS C 111 1.82 20.20 -21.96
CA LYS C 111 0.93 20.65 -20.90
C LYS C 111 -0.50 20.20 -21.21
N GLU C 112 -0.88 20.17 -22.51
CA GLU C 112 -2.20 19.68 -22.91
C GLU C 112 -2.31 18.19 -22.60
N LEU C 113 -1.19 17.43 -22.62
CA LEU C 113 -1.28 16.07 -22.11
C LEU C 113 -1.26 16.08 -20.58
N SER C 114 -0.34 16.85 -20.00
CA SER C 114 -0.14 16.87 -18.56
C SER C 114 -1.44 17.17 -17.81
N SER C 115 -2.27 18.06 -18.36
CA SER C 115 -3.49 18.44 -17.67
C SER C 115 -4.50 17.28 -17.64
N LYS C 116 -4.17 16.19 -18.35
CA LYS C 116 -5.08 15.07 -18.47
C LYS C 116 -4.65 13.97 -17.49
N GLY C 117 -3.65 14.32 -16.69
CA GLY C 117 -3.11 13.45 -15.66
C GLY C 117 -2.05 12.52 -16.21
N VAL C 118 -1.42 12.87 -17.35
CA VAL C 118 -0.47 11.97 -17.96
C VAL C 118 0.86 12.68 -18.17
N LYS C 119 1.92 12.24 -17.46
CA LYS C 119 3.10 13.08 -17.29
C LYS C 119 4.25 12.64 -18.18
N ILE C 120 4.00 11.68 -19.08
CA ILE C 120 5.14 11.00 -19.69
C ILE C 120 6.01 11.96 -20.49
N TRP C 121 5.40 12.96 -21.15
CA TRP C 121 6.18 13.92 -21.94
C TRP C 121 6.64 15.14 -21.12
N ASP C 122 6.45 15.19 -19.80
CA ASP C 122 6.68 16.46 -19.13
C ASP C 122 8.16 16.81 -19.00
N ALA C 123 8.98 15.87 -18.52
CA ALA C 123 10.40 16.17 -18.41
C ALA C 123 10.94 16.79 -19.71
N ASN C 124 10.48 16.31 -20.88
CA ASN C 124 11.05 16.74 -22.15
C ASN C 124 10.63 18.15 -22.58
N GLY C 125 9.55 18.70 -22.01
CA GLY C 125 9.12 20.03 -22.44
C GLY C 125 9.49 21.14 -21.45
N SER C 126 9.96 20.74 -20.25
CA SER C 126 10.36 21.61 -19.14
C SER C 126 11.41 22.65 -19.55
N ARG C 127 11.39 23.81 -18.89
CA ARG C 127 12.28 24.94 -19.14
C ARG C 127 13.76 24.52 -19.15
N ASP C 128 14.19 23.78 -18.13
CA ASP C 128 15.61 23.43 -18.04
C ASP C 128 16.02 22.47 -19.16
N PHE C 129 15.10 21.56 -19.57
CA PHE C 129 15.43 20.53 -20.56
C PHE C 129 15.61 21.19 -21.93
N LEU C 130 14.67 22.10 -22.26
CA LEU C 130 14.68 22.81 -23.54
C LEU C 130 15.95 23.65 -23.64
N ASP C 131 16.29 24.33 -22.53
CA ASP C 131 17.49 25.16 -22.49
C ASP C 131 18.74 24.32 -22.72
N SER C 132 18.78 23.13 -22.09
CA SER C 132 19.92 22.24 -22.17
C SER C 132 20.10 21.73 -23.61
N LEU C 133 19.04 21.83 -24.44
CA LEU C 133 19.13 21.45 -25.84
C LEU C 133 19.58 22.65 -26.68
N GLY C 134 19.45 23.86 -26.11
CA GLY C 134 19.77 25.07 -26.84
C GLY C 134 18.51 25.63 -27.49
N PHE C 135 17.34 25.26 -26.96
CA PHE C 135 16.09 25.86 -27.42
C PHE C 135 15.61 26.80 -26.32
N SER C 136 16.40 27.83 -26.03
CA SER C 136 16.12 28.68 -24.88
C SER C 136 14.87 29.54 -25.10
N THR C 137 14.72 30.00 -26.35
CA THR C 137 13.69 30.90 -26.85
C THR C 137 12.29 30.28 -26.71
N ARG C 138 12.20 29.01 -27.11
CA ARG C 138 11.01 28.17 -27.13
C ARG C 138 10.28 28.19 -25.78
N GLU C 139 8.94 28.28 -25.85
CA GLU C 139 8.07 28.32 -24.68
C GLU C 139 8.02 26.94 -24.03
N GLU C 140 7.50 26.88 -22.80
CA GLU C 140 7.51 25.64 -22.03
C GLU C 140 6.40 24.70 -22.49
N GLY C 141 6.80 23.43 -22.66
CA GLY C 141 5.92 22.36 -23.09
C GLY C 141 6.01 22.10 -24.60
N ASP C 142 6.68 23.01 -25.32
CA ASP C 142 6.90 22.89 -26.76
C ASP C 142 7.90 21.76 -27.08
N LEU C 143 7.39 20.66 -27.62
CA LEU C 143 8.20 19.46 -27.88
C LEU C 143 8.79 19.44 -29.29
N GLY C 144 8.44 20.47 -30.07
CA GLY C 144 8.82 20.53 -31.47
C GLY C 144 7.94 19.61 -32.32
N PRO C 145 8.37 19.31 -33.57
CA PRO C 145 7.52 18.57 -34.48
C PRO C 145 7.49 17.09 -34.13
N VAL C 146 6.86 16.70 -33.02
CA VAL C 146 6.78 15.30 -32.65
C VAL C 146 5.48 14.64 -33.17
N TYR C 147 5.14 13.46 -32.67
CA TYR C 147 4.11 12.65 -33.29
C TYR C 147 2.92 13.44 -33.88
N GLY C 148 2.27 14.26 -33.07
CA GLY C 148 0.98 14.81 -33.45
C GLY C 148 1.08 15.60 -34.76
N PHE C 149 2.10 16.45 -34.86
CA PHE C 149 2.51 17.21 -36.02
C PHE C 149 2.86 16.30 -37.21
N GLN C 150 3.64 15.24 -36.99
CA GLN C 150 4.01 14.39 -38.11
C GLN C 150 2.76 13.71 -38.67
N TRP C 151 1.80 13.38 -37.81
CA TRP C 151 0.67 12.57 -38.27
C TRP C 151 -0.41 13.42 -38.94
N ARG C 152 -0.47 14.72 -38.59
CA ARG C 152 -1.55 15.56 -39.12
C ARG C 152 -1.01 16.57 -40.13
N HIS C 153 0.32 16.79 -40.17
CA HIS C 153 0.92 17.88 -40.94
C HIS C 153 2.30 17.50 -41.46
N PHE C 154 2.48 16.25 -41.89
CA PHE C 154 3.83 15.86 -42.31
C PHE C 154 4.36 16.81 -43.38
N GLY C 155 5.57 17.32 -43.17
CA GLY C 155 6.23 18.07 -44.24
C GLY C 155 6.12 19.58 -44.03
N ALA C 156 5.12 19.98 -43.24
CA ALA C 156 4.87 21.38 -42.94
C ALA C 156 6.07 21.98 -42.21
N GLU C 157 6.30 23.29 -42.37
CA GLU C 157 7.40 23.97 -41.68
C GLU C 157 6.93 24.26 -40.25
N TYR C 158 7.66 23.70 -39.27
CA TYR C 158 7.33 23.89 -37.87
C TYR C 158 7.69 25.31 -37.41
N ARG C 159 6.79 25.92 -36.63
CA ARG C 159 7.01 27.21 -36.01
C ARG C 159 7.05 27.02 -34.48
N ASP C 160 5.88 27.00 -33.82
CA ASP C 160 5.80 26.57 -32.42
C ASP C 160 4.48 25.85 -32.13
N MET C 161 4.33 25.42 -30.86
CA MET C 161 3.24 24.57 -30.44
C MET C 161 1.89 25.27 -30.57
N GLU C 162 1.94 26.57 -30.90
CA GLU C 162 0.76 27.42 -30.84
C GLU C 162 0.25 27.75 -32.24
N SER C 163 1.17 27.84 -33.22
CA SER C 163 0.87 28.23 -34.59
C SER C 163 -0.29 27.43 -35.18
N ASP C 164 -0.99 28.01 -36.15
CA ASP C 164 -2.08 27.32 -36.84
C ASP C 164 -1.48 26.58 -38.03
N TYR C 165 -1.82 25.28 -38.17
CA TYR C 165 -1.23 24.45 -39.21
C TYR C 165 -2.29 23.89 -40.17
N SER C 166 -3.58 24.20 -39.96
CA SER C 166 -4.66 23.74 -40.84
C SER C 166 -4.24 23.83 -42.30
N GLY C 167 -4.49 22.73 -43.02
CA GLY C 167 -4.21 22.61 -44.44
C GLY C 167 -2.76 22.88 -44.81
N GLN C 168 -1.84 22.60 -43.89
CA GLN C 168 -0.42 22.56 -44.20
C GLN C 168 0.10 21.13 -43.97
N GLY C 169 0.99 20.65 -44.86
CA GLY C 169 1.60 19.34 -44.78
C GLY C 169 0.58 18.25 -45.13
N VAL C 170 0.99 16.97 -45.06
CA VAL C 170 0.09 15.86 -45.33
C VAL C 170 -0.57 15.41 -44.03
N ASP C 171 -1.90 15.42 -44.04
CA ASP C 171 -2.66 14.76 -42.99
C ASP C 171 -2.67 13.23 -43.23
N GLN C 172 -1.66 12.55 -42.67
CA GLN C 172 -1.46 11.15 -42.97
C GLN C 172 -2.61 10.35 -42.36
N LEU C 173 -3.06 10.80 -41.18
CA LEU C 173 -4.06 10.03 -40.47
C LEU C 173 -5.38 10.04 -41.25
N GLN C 174 -5.81 11.19 -41.75
CA GLN C 174 -7.03 11.27 -42.54
C GLN C 174 -6.89 10.51 -43.87
N ARG C 175 -5.73 10.65 -44.53
CA ARG C 175 -5.44 9.91 -45.77
C ARG C 175 -5.58 8.39 -45.57
N VAL C 176 -5.01 7.88 -44.48
CA VAL C 176 -5.06 6.45 -44.19
C VAL C 176 -6.53 6.07 -44.12
N ILE C 177 -7.34 6.91 -43.44
CA ILE C 177 -8.72 6.51 -43.22
C ILE C 177 -9.50 6.51 -44.54
N ASP C 178 -9.32 7.58 -45.32
CA ASP C 178 -9.87 7.68 -46.66
C ASP C 178 -9.55 6.44 -47.49
N THR C 179 -8.25 6.07 -47.55
CA THR C 179 -7.81 4.97 -48.39
C THR C 179 -8.47 3.70 -47.88
N ILE C 180 -8.49 3.46 -46.57
CA ILE C 180 -9.14 2.23 -46.09
C ILE C 180 -10.59 2.15 -46.63
N LYS C 181 -11.35 3.25 -46.54
CA LYS C 181 -12.73 3.31 -47.01
C LYS C 181 -12.87 3.15 -48.53
N THR C 182 -12.06 3.84 -49.36
CA THR C 182 -12.26 3.85 -50.81
C THR C 182 -11.38 2.84 -51.56
N ASN C 183 -10.25 2.39 -51.00
CA ASN C 183 -9.37 1.49 -51.73
C ASN C 183 -8.73 0.46 -50.76
N PRO C 184 -9.52 -0.45 -50.14
CA PRO C 184 -8.98 -1.34 -49.11
C PRO C 184 -7.87 -2.29 -49.56
N ASP C 185 -7.77 -2.59 -50.88
CA ASP C 185 -6.68 -3.46 -51.31
C ASP C 185 -5.31 -2.75 -51.33
N ASP C 186 -5.27 -1.42 -51.09
CA ASP C 186 -4.07 -0.62 -51.22
C ASP C 186 -2.89 -1.16 -50.39
N ARG C 187 -1.70 -1.23 -51.02
CA ARG C 187 -0.48 -1.75 -50.39
C ARG C 187 0.43 -0.64 -49.88
N ARG C 188 -0.10 0.58 -49.80
CA ARG C 188 0.71 1.71 -49.33
C ARG C 188 -0.04 2.51 -48.27
N ILE C 189 -0.83 1.86 -47.41
CA ILE C 189 -1.50 2.63 -46.37
C ILE C 189 -0.56 2.80 -45.17
N ILE C 190 0.23 3.85 -45.26
CA ILE C 190 1.33 4.06 -44.34
C ILE C 190 1.18 5.44 -43.69
N MET C 191 1.48 5.49 -42.38
CA MET C 191 1.66 6.74 -41.66
C MET C 191 3.02 6.68 -40.96
N CYS C 192 3.83 7.71 -41.23
CA CYS C 192 5.26 7.77 -41.00
C CYS C 192 5.51 8.91 -40.01
N ALA C 193 6.26 8.69 -38.93
CA ALA C 193 6.58 9.76 -37.97
C ALA C 193 8.07 10.11 -38.05
N TRP C 194 8.82 9.26 -38.72
CA TRP C 194 10.24 9.46 -38.94
C TRP C 194 10.45 10.55 -39.98
N ASN C 195 10.93 11.70 -39.56
CA ASN C 195 11.14 12.79 -40.50
C ASN C 195 12.54 13.34 -40.31
N PRO C 196 13.50 12.93 -41.14
CA PRO C 196 14.90 13.28 -40.93
C PRO C 196 15.15 14.80 -40.92
N ARG C 197 14.35 15.52 -41.71
CA ARG C 197 14.34 16.98 -41.73
C ARG C 197 14.03 17.52 -40.33
N ASP C 198 13.07 16.93 -39.61
CA ASP C 198 12.60 17.56 -38.38
C ASP C 198 13.31 17.03 -37.16
N LEU C 199 14.07 15.94 -37.30
CA LEU C 199 14.68 15.28 -36.17
C LEU C 199 15.41 16.27 -35.24
N PRO C 200 16.23 17.20 -35.76
CA PRO C 200 16.98 18.06 -34.86
C PRO C 200 16.10 19.09 -34.14
N LEU C 201 14.82 19.23 -34.55
CA LEU C 201 13.91 20.10 -33.84
C LEU C 201 13.11 19.42 -32.74
N MET C 202 13.13 18.07 -32.68
CA MET C 202 12.26 17.38 -31.76
C MET C 202 12.95 17.22 -30.41
N ALA C 203 12.13 17.25 -29.35
CA ALA C 203 12.71 17.09 -28.02
C ALA C 203 13.47 15.76 -27.93
N LEU C 204 13.09 14.79 -28.80
CA LEU C 204 13.37 13.36 -28.67
C LEU C 204 13.08 12.66 -30.02
N PRO C 205 13.94 11.77 -30.59
CA PRO C 205 13.57 11.08 -31.82
C PRO C 205 12.46 10.01 -31.61
N PRO C 206 11.51 9.89 -32.56
CA PRO C 206 10.36 8.98 -32.41
C PRO C 206 10.86 7.55 -32.38
N CYS C 207 10.36 6.69 -31.44
CA CYS C 207 10.71 5.28 -31.57
C CYS C 207 9.78 4.59 -32.57
N HIS C 208 8.54 5.11 -32.75
CA HIS C 208 7.58 4.48 -33.68
C HIS C 208 7.72 5.17 -35.02
N ALA C 209 8.59 4.61 -35.86
CA ALA C 209 9.00 5.22 -37.14
C ALA C 209 7.86 5.22 -38.15
N LEU C 210 7.09 4.13 -38.24
CA LEU C 210 5.96 4.19 -39.15
C LEU C 210 5.03 3.03 -38.83
N CYS C 211 3.78 3.08 -39.33
CA CYS C 211 2.90 1.95 -39.22
C CYS C 211 2.20 1.80 -40.56
N GLN C 212 1.71 0.59 -40.84
CA GLN C 212 1.06 0.32 -42.11
C GLN C 212 -0.22 -0.43 -41.82
N PHE C 213 -1.30 -0.15 -42.56
CA PHE C 213 -2.57 -0.82 -42.39
C PHE C 213 -2.82 -1.69 -43.63
N TYR C 214 -3.69 -2.68 -43.39
CA TYR C 214 -3.96 -3.72 -44.36
C TYR C 214 -5.39 -4.19 -44.16
N VAL C 215 -6.16 -4.35 -45.25
CA VAL C 215 -7.55 -4.75 -45.12
C VAL C 215 -7.72 -6.02 -45.94
N VAL C 216 -8.32 -7.08 -45.34
CA VAL C 216 -8.77 -8.26 -46.11
C VAL C 216 -9.94 -8.90 -45.38
N ASN C 217 -10.99 -9.29 -46.12
CA ASN C 217 -12.15 -9.97 -45.54
C ASN C 217 -12.81 -9.15 -44.42
N SER C 218 -12.87 -7.84 -44.63
CA SER C 218 -13.53 -6.95 -43.67
C SER C 218 -12.76 -6.79 -42.34
N GLU C 219 -11.48 -7.19 -42.30
CA GLU C 219 -10.66 -7.00 -41.11
C GLU C 219 -9.53 -6.02 -41.44
N LEU C 220 -9.28 -5.11 -40.48
CA LEU C 220 -8.17 -4.15 -40.50
C LEU C 220 -7.06 -4.66 -39.59
N SER C 221 -5.86 -4.88 -40.18
CA SER C 221 -4.64 -5.16 -39.46
C SER C 221 -3.72 -3.94 -39.49
N CYS C 222 -2.76 -3.90 -38.55
CA CYS C 222 -1.76 -2.83 -38.42
C CYS C 222 -0.40 -3.42 -38.11
N GLN C 223 0.62 -2.89 -38.78
CA GLN C 223 1.98 -3.27 -38.46
C GLN C 223 2.74 -2.00 -38.06
N LEU C 224 3.34 -2.02 -36.87
CA LEU C 224 4.17 -0.93 -36.39
C LEU C 224 5.63 -1.33 -36.60
N TYR C 225 6.46 -0.42 -37.13
CA TYR C 225 7.91 -0.53 -37.06
C TYR C 225 8.44 0.36 -35.94
N GLN C 226 8.90 -0.30 -34.85
CA GLN C 226 9.44 0.42 -33.70
C GLN C 226 10.94 0.20 -33.73
N ARG C 227 11.74 1.24 -33.96
CA ARG C 227 13.19 1.13 -34.10
C ARG C 227 13.87 0.70 -32.79
N SER C 228 13.21 0.88 -31.65
CA SER C 228 13.89 0.75 -30.38
C SER C 228 12.83 0.46 -29.32
N GLY C 229 13.00 -0.66 -28.61
CA GLY C 229 11.98 -1.18 -27.70
C GLY C 229 12.58 -1.57 -26.34
N ASP C 230 12.23 -0.79 -25.30
CA ASP C 230 12.55 -1.16 -23.93
C ASP C 230 11.55 -2.24 -23.58
N MET C 231 12.00 -3.49 -23.56
CA MET C 231 11.04 -4.59 -23.48
C MET C 231 10.27 -4.56 -22.15
N GLY C 232 10.93 -4.20 -21.05
CA GLY C 232 10.28 -4.33 -19.75
C GLY C 232 9.29 -3.22 -19.49
N LEU C 233 9.70 -2.00 -19.82
CA LEU C 233 8.96 -0.83 -19.43
C LEU C 233 8.15 -0.23 -20.58
N GLY C 234 8.66 -0.11 -21.81
CA GLY C 234 7.95 0.63 -22.83
C GLY C 234 6.98 -0.21 -23.68
N VAL C 235 7.43 -1.40 -24.12
CA VAL C 235 6.77 -2.23 -25.12
C VAL C 235 5.34 -2.60 -24.72
N PRO C 236 5.04 -3.01 -23.46
CA PRO C 236 3.65 -3.39 -23.12
C PRO C 236 2.70 -2.24 -23.38
N PHE C 237 3.18 -1.02 -23.09
CA PHE C 237 2.45 0.19 -23.38
C PHE C 237 2.27 0.41 -24.91
N ASN C 238 3.35 0.17 -25.66
CA ASN C 238 3.41 0.38 -27.10
C ASN C 238 2.45 -0.55 -27.84
N ILE C 239 2.32 -1.79 -27.37
CA ILE C 239 1.34 -2.71 -27.96
C ILE C 239 -0.08 -2.17 -27.79
N ALA C 240 -0.37 -1.69 -26.56
CA ALA C 240 -1.72 -1.30 -26.18
C ALA C 240 -2.10 -0.11 -27.03
N SER C 241 -1.12 0.76 -27.23
CA SER C 241 -1.35 2.01 -27.93
C SER C 241 -1.70 1.77 -29.41
N TYR C 242 -0.95 0.94 -30.16
CA TYR C 242 -1.26 0.73 -31.57
C TYR C 242 -2.45 -0.22 -31.72
N ALA C 243 -2.64 -1.12 -30.77
CA ALA C 243 -3.84 -1.96 -30.77
C ALA C 243 -5.05 -1.04 -30.64
N LEU C 244 -4.98 -0.01 -29.80
CA LEU C 244 -6.12 0.90 -29.65
C LEU C 244 -6.34 1.75 -30.92
N LEU C 245 -5.25 2.18 -31.54
CA LEU C 245 -5.38 2.95 -32.76
C LEU C 245 -6.08 2.09 -33.81
N THR C 246 -5.78 0.80 -33.83
CA THR C 246 -6.39 -0.12 -34.80
C THR C 246 -7.91 -0.24 -34.54
N TYR C 247 -8.28 -0.27 -33.26
CA TYR C 247 -9.67 -0.43 -32.88
C TYR C 247 -10.44 0.80 -33.36
N MET C 248 -9.80 1.96 -33.14
CA MET C 248 -10.41 3.24 -33.45
C MET C 248 -10.65 3.38 -34.97
N ILE C 249 -9.62 3.11 -35.78
CA ILE C 249 -9.75 3.25 -37.22
C ILE C 249 -10.74 2.21 -37.77
N ALA C 250 -10.63 0.96 -37.25
CA ALA C 250 -11.61 -0.07 -37.53
C ALA C 250 -13.03 0.47 -37.32
N HIS C 251 -13.27 1.13 -36.17
CA HIS C 251 -14.61 1.61 -35.83
C HIS C 251 -15.04 2.73 -36.79
N ILE C 252 -14.14 3.66 -37.13
CA ILE C 252 -14.48 4.72 -38.07
C ILE C 252 -14.74 4.18 -39.48
N THR C 253 -14.18 3.03 -39.86
CA THR C 253 -14.26 2.57 -41.23
C THR C 253 -15.25 1.42 -41.38
N GLY C 254 -15.93 1.01 -40.29
CA GLY C 254 -16.90 -0.08 -40.37
C GLY C 254 -16.29 -1.45 -40.59
N LEU C 255 -15.03 -1.64 -40.14
CA LEU C 255 -14.32 -2.91 -40.29
C LEU C 255 -14.16 -3.54 -38.93
N LYS C 256 -13.76 -4.80 -38.87
CA LYS C 256 -13.41 -5.39 -37.57
C LYS C 256 -11.89 -5.48 -37.44
N PRO C 257 -11.36 -5.29 -36.20
CA PRO C 257 -9.92 -5.38 -35.97
C PRO C 257 -9.44 -6.80 -36.26
N GLY C 258 -8.32 -6.91 -36.99
CA GLY C 258 -7.72 -8.17 -37.35
C GLY C 258 -6.55 -8.51 -36.44
N ASP C 259 -5.32 -8.18 -36.91
CA ASP C 259 -4.10 -8.44 -36.17
C ASP C 259 -3.31 -7.15 -35.96
N PHE C 260 -2.54 -7.11 -34.86
CA PHE C 260 -1.53 -6.08 -34.64
C PHE C 260 -0.18 -6.78 -34.77
N ILE C 261 0.63 -6.34 -35.77
CA ILE C 261 1.96 -6.93 -35.94
C ILE C 261 2.98 -5.93 -35.39
N HIS C 262 3.75 -6.36 -34.37
CA HIS C 262 4.74 -5.50 -33.73
C HIS C 262 6.09 -5.90 -34.29
N THR C 263 6.76 -5.02 -35.07
CA THR C 263 8.12 -5.32 -35.51
C THR C 263 9.07 -4.41 -34.74
N LEU C 264 10.21 -4.99 -34.28
CA LEU C 264 11.20 -4.19 -33.59
C LEU C 264 12.53 -4.19 -34.31
N GLY C 265 13.26 -3.08 -34.06
CA GLY C 265 14.66 -2.97 -34.40
C GLY C 265 15.45 -3.50 -33.20
N ASP C 266 16.02 -2.56 -32.42
CA ASP C 266 16.76 -2.91 -31.24
C ASP C 266 15.80 -3.28 -30.11
N ALA C 267 15.55 -4.59 -29.91
CA ALA C 267 14.73 -5.04 -28.79
C ALA C 267 15.67 -5.32 -27.63
N HIS C 268 15.50 -4.61 -26.53
CA HIS C 268 16.48 -4.70 -25.45
C HIS C 268 15.81 -4.75 -24.07
N ILE C 269 16.49 -5.41 -23.14
CA ILE C 269 16.17 -5.42 -21.71
C ILE C 269 17.31 -4.71 -20.96
N TYR C 270 16.96 -3.68 -20.19
CA TYR C 270 17.93 -2.99 -19.36
C TYR C 270 18.32 -3.94 -18.23
N LEU C 271 19.60 -3.87 -17.86
CA LEU C 271 20.18 -4.71 -16.82
C LEU C 271 19.37 -4.74 -15.52
N ASN C 272 18.86 -3.60 -15.04
CA ASN C 272 18.08 -3.62 -13.80
C ASN C 272 16.67 -4.16 -14.01
N HIS C 273 16.29 -4.59 -15.26
CA HIS C 273 14.94 -5.10 -15.40
C HIS C 273 14.98 -6.62 -15.38
N ILE C 274 16.19 -7.18 -15.41
CA ILE C 274 16.35 -8.61 -15.55
C ILE C 274 15.61 -9.38 -14.43
N GLU C 275 15.84 -9.00 -13.17
CA GLU C 275 15.20 -9.70 -12.05
C GLU C 275 13.69 -9.51 -12.04
N PRO C 276 13.15 -8.26 -12.10
CA PRO C 276 11.72 -8.07 -12.19
C PRO C 276 11.09 -8.90 -13.34
N LEU C 277 11.80 -9.03 -14.47
CA LEU C 277 11.24 -9.79 -15.59
C LEU C 277 11.25 -11.32 -15.34
N LYS C 278 12.31 -11.82 -14.67
CA LYS C 278 12.28 -13.23 -14.23
C LYS C 278 11.04 -13.56 -13.37
N ILE C 279 10.65 -12.70 -12.44
CA ILE C 279 9.42 -12.88 -11.68
C ILE C 279 8.22 -12.91 -12.64
N GLN C 280 8.16 -11.95 -13.58
CA GLN C 280 7.01 -11.86 -14.47
C GLN C 280 6.91 -13.13 -15.32
N LEU C 281 8.04 -13.67 -15.72
CA LEU C 281 8.02 -14.89 -16.52
C LEU C 281 7.36 -16.09 -15.81
N GLN C 282 7.24 -16.08 -14.48
CA GLN C 282 6.68 -17.23 -13.78
C GLN C 282 5.16 -17.10 -13.64
N ARG C 283 4.58 -15.94 -14.00
CA ARG C 283 3.15 -15.78 -13.83
C ARG C 283 2.38 -16.40 -15.01
N GLU C 284 1.23 -17.05 -14.76
CA GLU C 284 0.41 -17.58 -15.85
C GLU C 284 -0.45 -16.44 -16.39
N PRO C 285 -0.44 -16.15 -17.73
CA PRO C 285 -1.33 -15.12 -18.28
C PRO C 285 -2.79 -15.45 -17.99
N ARG C 286 -3.56 -14.41 -17.65
CA ARG C 286 -5.01 -14.43 -17.55
C ARG C 286 -5.62 -14.04 -18.89
N PRO C 287 -6.83 -14.52 -19.28
CA PRO C 287 -7.43 -14.12 -20.56
C PRO C 287 -7.39 -12.61 -20.77
N PHE C 288 -7.10 -12.18 -21.99
CA PHE C 288 -7.00 -10.76 -22.25
C PHE C 288 -8.36 -10.14 -22.04
N PRO C 289 -8.42 -8.83 -21.72
CA PRO C 289 -9.68 -8.13 -21.60
C PRO C 289 -10.29 -7.81 -22.97
N LYS C 290 -11.49 -7.20 -22.92
CA LYS C 290 -12.18 -6.71 -24.11
C LYS C 290 -12.16 -5.19 -24.09
N LEU C 291 -12.11 -4.60 -25.27
CA LEU C 291 -12.29 -3.16 -25.30
C LEU C 291 -13.66 -2.85 -25.92
N ARG C 292 -14.47 -2.01 -25.28
CA ARG C 292 -15.77 -1.66 -25.84
C ARG C 292 -15.72 -0.17 -26.17
N ILE C 293 -16.23 0.22 -27.33
CA ILE C 293 -16.39 1.61 -27.63
C ILE C 293 -17.87 1.94 -27.46
N LEU C 294 -18.18 2.99 -26.69
CA LEU C 294 -19.52 3.10 -26.11
C LEU C 294 -20.55 3.83 -26.98
N ARG C 295 -20.21 4.37 -28.16
CA ARG C 295 -21.22 4.89 -29.08
C ARG C 295 -20.69 4.78 -30.51
N LYS C 296 -21.56 5.03 -31.51
CA LYS C 296 -21.14 5.17 -32.91
C LYS C 296 -20.41 6.50 -33.07
N VAL C 297 -19.17 6.45 -33.49
CA VAL C 297 -18.40 7.67 -33.59
C VAL C 297 -18.07 7.83 -35.07
N GLU C 298 -18.14 9.09 -35.51
CA GLU C 298 -18.26 9.36 -36.95
C GLU C 298 -16.87 9.57 -37.57
N LYS C 299 -16.08 10.42 -36.92
CA LYS C 299 -14.78 10.88 -37.40
C LYS C 299 -13.74 10.66 -36.30
N ILE C 300 -12.48 10.36 -36.70
CA ILE C 300 -11.39 10.08 -35.76
C ILE C 300 -11.21 11.15 -34.66
N ASP C 301 -11.37 12.43 -35.02
CA ASP C 301 -11.21 13.58 -34.14
C ASP C 301 -12.30 13.65 -33.06
N ASP C 302 -13.36 12.87 -33.20
CA ASP C 302 -14.53 12.89 -32.35
C ASP C 302 -14.42 11.98 -31.13
N PHE C 303 -13.46 11.06 -31.09
CA PHE C 303 -13.37 10.17 -29.94
C PHE C 303 -12.95 10.97 -28.70
N LYS C 304 -13.45 10.57 -27.54
CA LYS C 304 -13.02 11.14 -26.27
C LYS C 304 -12.77 10.02 -25.27
N ALA C 305 -12.03 10.30 -24.19
CA ALA C 305 -11.68 9.23 -23.25
C ALA C 305 -12.92 8.43 -22.79
N GLU C 306 -14.05 9.09 -22.52
CA GLU C 306 -15.26 8.42 -22.03
C GLU C 306 -15.87 7.47 -23.06
N ASP C 307 -15.42 7.50 -24.32
CA ASP C 307 -15.93 6.60 -25.34
C ASP C 307 -15.44 5.15 -25.18
N PHE C 308 -14.49 4.89 -24.29
CA PHE C 308 -13.79 3.60 -24.26
C PHE C 308 -13.91 2.95 -22.90
N GLN C 309 -14.05 1.63 -22.83
CA GLN C 309 -14.05 0.93 -21.55
C GLN C 309 -13.35 -0.41 -21.71
N ILE C 310 -12.41 -0.71 -20.81
CA ILE C 310 -11.75 -1.99 -20.83
C ILE C 310 -12.53 -2.92 -19.90
N GLU C 311 -12.82 -4.12 -20.39
CA GLU C 311 -13.73 -4.92 -19.57
C GLU C 311 -13.04 -6.24 -19.22
N GLY C 312 -13.10 -6.62 -17.95
CA GLY C 312 -12.62 -7.94 -17.60
C GLY C 312 -11.09 -7.97 -17.53
N TYR C 313 -10.49 -6.81 -17.22
CA TYR C 313 -9.05 -6.75 -17.04
C TYR C 313 -8.66 -7.12 -15.58
N ASN C 314 -7.86 -8.19 -15.44
CA ASN C 314 -7.62 -8.84 -14.16
C ASN C 314 -6.15 -9.23 -14.14
N PRO C 315 -5.24 -8.25 -14.15
CA PRO C 315 -3.82 -8.56 -14.30
C PRO C 315 -3.26 -8.97 -12.93
N HIS C 316 -2.09 -9.59 -12.94
CA HIS C 316 -1.29 -9.88 -11.76
C HIS C 316 -0.81 -8.54 -11.17
N PRO C 317 -0.28 -8.52 -9.92
CA PRO C 317 0.19 -7.27 -9.29
C PRO C 317 1.29 -6.52 -10.05
N THR C 318 1.31 -5.19 -9.84
CA THR C 318 2.35 -4.29 -10.30
C THR C 318 3.71 -4.93 -10.06
N ILE C 319 4.61 -4.74 -11.00
CA ILE C 319 6.01 -5.04 -10.81
C ILE C 319 6.77 -3.78 -11.14
N LYS C 320 7.58 -3.26 -10.20
CA LYS C 320 8.14 -1.95 -10.42
C LYS C 320 9.40 -2.11 -11.28
N MET C 321 9.57 -1.22 -12.26
CA MET C 321 10.77 -1.22 -13.08
C MET C 321 11.30 0.21 -13.22
N GLU C 322 12.53 0.47 -12.81
CA GLU C 322 13.03 1.85 -12.82
C GLU C 322 13.33 2.27 -14.27
N MET C 323 13.00 3.54 -14.61
CA MET C 323 13.29 4.19 -15.89
C MET C 323 14.80 4.42 -16.05
N ALA C 324 15.31 4.20 -17.28
CA ALA C 324 16.72 4.47 -17.58
C ALA C 324 16.93 5.97 -17.76
N1 UFP D . 5.65 -7.53 27.44
C2 UFP D . 6.52 -6.64 26.72
N3 UFP D . 7.15 -7.07 25.62
C4 UFP D . 6.95 -8.29 25.14
C5 UFP D . 6.08 -9.21 25.88
C6 UFP D . 5.46 -8.79 27.05
O2 UFP D . 6.74 -5.43 27.06
O4 UFP D . 7.57 -8.70 24.11
F5 UFP D . 5.96 -10.46 25.40
C1' UFP D . 4.98 -7.11 28.64
C2' UFP D . 3.82 -6.14 28.40
C3' UFP D . 3.03 -6.51 29.67
C4' UFP D . 3.14 -8.05 29.78
O3' UFP D . 3.78 -5.91 30.75
O4' UFP D . 4.43 -8.31 29.22
C5' UFP D . 2.14 -8.89 28.98
O5' UFP D . 0.92 -8.64 29.71
P UFP D . -0.52 -8.35 29.14
O1P UFP D . -1.37 -8.10 30.35
O2P UFP D . -0.65 -9.52 28.16
O3P UFP D . -0.43 -6.95 28.44
N1 UFP E . -7.82 5.36 2.08
C2 UFP E . -8.09 6.19 3.18
N3 UFP E . -9.06 5.92 4.06
C4 UFP E . -9.79 4.78 3.96
C5 UFP E . -9.53 3.89 2.81
C6 UFP E . -8.53 4.23 1.89
O2 UFP E . -7.43 7.26 3.33
O4 UFP E . -10.69 4.46 4.79
F5 UFP E . -10.28 2.79 2.72
C1' UFP E . -6.81 5.76 1.09
C2' UFP E . -5.39 5.41 1.36
C3' UFP E . -4.84 5.17 -0.05
C4' UFP E . -5.99 4.48 -0.76
O3' UFP E . -4.62 6.53 -0.58
O4' UFP E . -7.14 4.99 -0.07
C5' UFP E . -6.08 2.95 -0.69
O5' UFP E . -4.93 2.45 -1.41
P UFP E . -3.81 1.41 -0.97
O1P UFP E . -3.08 1.98 0.26
O2P UFP E . -4.48 0.06 -0.82
O3P UFP E . -2.72 1.27 -2.06
N1 UFP F . 11.17 3.59 -25.61
C2 UFP F . 10.23 2.57 -25.86
N3 UFP F . 9.01 2.84 -26.36
C4 UFP F . 8.67 4.11 -26.64
C5 UFP F . 9.61 5.22 -26.35
C6 UFP F . 10.86 4.89 -25.83
O2 UFP F . 10.49 1.35 -25.59
O4 UFP F . 7.54 4.39 -27.08
F5 UFP F . 9.20 6.50 -26.64
C1' UFP F . 12.49 3.27 -25.04
C2' UFP F . 13.37 2.52 -26.05
C3' UFP F . 14.76 3.01 -25.62
C4' UFP F . 14.56 4.46 -25.16
O3' UFP F . 15.11 2.19 -24.45
O4' UFP F . 13.15 4.53 -24.80
C5' UFP F . 14.63 5.50 -26.26
O5' UFP F . 16.03 5.71 -26.44
P UFP F . 16.81 5.66 -27.82
O1P UFP F . 18.33 5.69 -27.65
O2P UFP F . 16.41 6.91 -28.58
O3P UFP F . 16.34 4.32 -28.40
S SO4 G . -1.51 -4.00 -7.27
O1 SO4 G . -1.78 -2.78 -6.55
O2 SO4 G . -0.44 -4.72 -6.63
O3 SO4 G . -2.70 -4.82 -7.27
O4 SO4 G . -1.13 -3.67 -8.62
#